data_4K3W
#
_entry.id   4K3W
#
_cell.length_a   232.355
_cell.length_b   135.143
_cell.length_c   43.042
_cell.angle_alpha   90.00
_cell.angle_beta   99.09
_cell.angle_gamma   90.00
#
_symmetry.space_group_name_H-M   'C 1 2 1'
#
loop_
_entity.id
_entity.type
_entity.pdbx_description
1 polymer 'Enoyl-CoA hydratase/isomerase'
2 water water
#
_entity_poly.entity_id   1
_entity_poly.type   'polypeptide(L)'
_entity_poly.pdbx_seq_one_letter_code
;(MSE)HHHHHHSSGVDLGTENLYFQS(MSE)EQLPQCETLILEKQGPTLVITINRPDVRNA(MSE)SLQ(MSE)VAELST
IFSEIENDISIRAAVLRGAGGHFCAGGDIKD(MSE)AGARSQKAGEGRDDPFYKLNRAFGQ(MSE)IQQVNESSKVVIAI
TEGAV(MSE)GGGFGLACVSDLAIAGPTAKFG(MSE)PETTLGVIPAQIAPFVVERIGLTQARRLALLGLRIDATEACKL
GIVHQVAESEEQLSD(MSE)LNQALERVRLCAPDATAETKALLHRVGHEA(MSE)AGLLDDAAEKFAAAIRGPEGAEGT
(MSE)AF(MSE)QKREPKWAELPNQ
;
_entity_poly.pdbx_strand_id   A,B,C
#
# COMPACT_ATOMS: atom_id res chain seq x y z
N CYS A 29 -14.95 18.01 30.36
CA CYS A 29 -15.07 16.64 29.76
C CYS A 29 -15.44 15.55 30.77
N GLU A 30 -16.52 14.82 30.49
CA GLU A 30 -16.99 13.72 31.33
C GLU A 30 -16.14 12.47 31.13
N THR A 31 -15.65 12.30 29.90
CA THR A 31 -15.13 11.03 29.42
C THR A 31 -13.62 10.98 29.28
N LEU A 32 -12.99 12.15 29.22
CA LEU A 32 -11.56 12.26 29.01
C LEU A 32 -10.88 13.21 30.01
N ILE A 33 -9.65 12.89 30.38
CA ILE A 33 -8.75 13.79 31.09
C ILE A 33 -7.83 14.50 30.08
N LEU A 34 -7.91 15.83 30.02
CA LEU A 34 -6.98 16.63 29.23
C LEU A 34 -5.82 17.16 30.08
N GLU A 35 -4.63 17.21 29.50
CA GLU A 35 -3.48 17.86 30.15
C GLU A 35 -2.57 18.49 29.11
N LYS A 36 -2.38 19.80 29.19
CA LYS A 36 -1.33 20.50 28.41
C LYS A 36 0.03 20.06 28.91
N GLN A 37 1.05 20.14 28.06
CA GLN A 37 2.38 19.65 28.40
C GLN A 37 3.34 20.18 27.36
N GLY A 38 3.58 21.48 27.43
CA GLY A 38 4.35 22.16 26.42
C GLY A 38 3.44 22.30 25.23
N PRO A 39 3.97 22.00 24.04
CA PRO A 39 3.19 22.15 22.82
C PRO A 39 2.25 20.95 22.53
N THR A 40 2.17 19.99 23.45
CA THR A 40 1.45 18.76 23.19
C THR A 40 0.34 18.51 24.23
N LEU A 41 -0.90 18.38 23.76
CA LEU A 41 -2.05 17.98 24.58
C LEU A 41 -2.14 16.47 24.82
N VAL A 42 -2.12 16.02 26.08
CA VAL A 42 -2.33 14.62 26.39
C VAL A 42 -3.80 14.34 26.70
N ILE A 43 -4.42 13.54 25.83
CA ILE A 43 -5.80 13.12 26.00
C ILE A 43 -5.80 11.70 26.53
N THR A 44 -6.32 11.54 27.75
CA THR A 44 -6.46 10.21 28.35
C THR A 44 -7.93 9.84 28.32
N ILE A 45 -8.20 8.64 27.80
CA ILE A 45 -9.55 8.11 27.70
C ILE A 45 -9.84 7.60 29.09
N ASN A 46 -10.90 8.12 29.70
CA ASN A 46 -11.13 7.93 31.15
C ASN A 46 -12.47 7.26 31.48
N ARG A 47 -12.46 5.94 31.29
CA ARG A 47 -13.54 5.02 31.65
C ARG A 47 -12.95 3.65 31.89
N PRO A 48 -11.88 3.56 32.73
CA PRO A 48 -11.17 2.29 33.03
C PRO A 48 -12.04 1.20 33.67
N ASP A 49 -13.15 1.64 34.27
CA ASP A 49 -14.19 0.80 34.85
C ASP A 49 -14.84 -0.13 33.82
N VAL A 50 -15.18 0.41 32.64
CA VAL A 50 -15.65 -0.42 31.50
C VAL A 50 -14.58 -0.57 30.40
N ARG A 51 -13.30 -0.59 30.79
CA ARG A 51 -12.18 -0.80 29.86
C ARG A 51 -12.16 0.20 28.69
N ASN A 52 -12.72 1.37 28.90
CA ASN A 52 -12.75 2.44 27.91
C ASN A 52 -13.61 2.15 26.70
N ALA A 53 -14.62 1.30 26.86
CA ALA A 53 -15.65 1.15 25.86
C ALA A 53 -16.01 2.55 25.34
N MSE A 54 -16.21 2.72 24.04
CA MSE A 54 -16.39 4.06 23.47
C MSE A 54 -17.84 4.37 23.24
O MSE A 54 -18.50 3.73 22.41
CB MSE A 54 -15.64 4.23 22.14
CG MSE A 54 -15.77 5.65 21.56
SE MSE A 54 -14.51 5.98 20.06
CE MSE A 54 -12.82 5.57 21.01
N SER A 55 -18.31 5.39 23.92
CA SER A 55 -19.69 5.83 23.78
C SER A 55 -19.85 7.03 22.88
N LEU A 56 -21.07 7.24 22.41
CA LEU A 56 -21.42 8.42 21.63
C LEU A 56 -20.96 9.67 22.28
N GLN A 57 -21.08 9.72 23.60
CA GLN A 57 -20.66 10.90 24.35
C GLN A 57 -19.16 11.14 24.20
N MSE A 58 -18.37 10.08 24.27
CA MSE A 58 -16.92 10.21 24.07
C MSE A 58 -16.60 10.69 22.68
O MSE A 58 -15.77 11.55 22.48
CB MSE A 58 -16.28 8.84 24.22
CG MSE A 58 -14.78 9.00 24.12
SE MSE A 58 -13.87 7.30 24.54
CE MSE A 58 -14.52 6.69 26.30
N VAL A 59 -17.26 10.10 21.71
CA VAL A 59 -17.05 10.45 20.33
C VAL A 59 -17.21 11.94 20.18
N ALA A 60 -18.31 12.49 20.69
CA ALA A 60 -18.59 13.92 20.61
C ALA A 60 -17.57 14.78 21.32
N GLU A 61 -17.08 14.34 22.47
CA GLU A 61 -16.06 15.07 23.16
C GLU A 61 -14.76 15.06 22.35
N LEU A 62 -14.39 13.90 21.80
CA LEU A 62 -13.21 13.84 20.91
C LEU A 62 -13.38 14.78 19.73
N SER A 63 -14.52 14.68 19.07
CA SER A 63 -14.80 15.56 17.97
C SER A 63 -14.63 17.02 18.37
N THR A 64 -15.11 17.35 19.57
CA THR A 64 -15.07 18.73 20.06
C THR A 64 -13.63 19.16 20.34
N ILE A 65 -12.91 18.38 21.11
CA ILE A 65 -11.53 18.70 21.42
C ILE A 65 -10.72 18.94 20.12
N PHE A 66 -10.84 18.03 19.16
CA PHE A 66 -10.12 18.19 17.90
C PHE A 66 -10.56 19.41 17.10
N SER A 67 -11.85 19.74 17.09
CA SER A 67 -12.29 20.97 16.44
C SER A 67 -11.71 22.25 17.10
N GLU A 68 -11.60 22.21 18.44
CA GLU A 68 -11.15 23.37 19.21
C GLU A 68 -9.66 23.61 19.04
N ILE A 69 -8.88 22.55 19.08
CA ILE A 69 -7.45 22.69 18.90
C ILE A 69 -7.05 22.93 17.46
N GLU A 70 -7.95 22.74 16.50
CA GLU A 70 -7.55 22.69 15.08
C GLU A 70 -6.79 23.93 14.65
N ASN A 71 -7.31 25.07 15.04
CA ASN A 71 -6.75 26.36 14.72
C ASN A 71 -6.25 26.94 16.03
N ASP A 72 -5.42 26.19 16.73
CA ASP A 72 -4.73 26.66 17.92
C ASP A 72 -3.23 26.53 17.72
N ILE A 73 -2.48 27.45 18.29
CA ILE A 73 -1.09 27.66 17.94
C ILE A 73 -0.17 26.90 18.88
N SER A 74 -0.49 26.96 20.15
CA SER A 74 0.32 26.41 21.22
C SER A 74 0.34 24.89 21.19
N ILE A 75 -0.71 24.30 20.63
CA ILE A 75 -0.83 22.83 20.53
C ILE A 75 -0.27 22.34 19.19
N ARG A 76 0.77 21.51 19.26
CA ARG A 76 1.41 20.99 18.04
C ARG A 76 1.08 19.52 17.83
N ALA A 77 0.95 18.79 18.94
CA ALA A 77 0.70 17.36 18.92
C ALA A 77 -0.41 17.01 19.89
N ALA A 78 -1.11 15.90 19.60
CA ALA A 78 -2.11 15.33 20.49
C ALA A 78 -1.80 13.88 20.75
N VAL A 79 -1.62 13.52 22.02
CA VAL A 79 -1.36 12.16 22.41
C VAL A 79 -2.64 11.50 22.91
N LEU A 80 -2.93 10.31 22.39
CA LEU A 80 -4.10 9.54 22.76
C LEU A 80 -3.65 8.34 23.53
N ARG A 81 -4.22 8.17 24.72
CA ARG A 81 -3.84 7.06 25.58
C ARG A 81 -5.04 6.68 26.43
N GLY A 82 -5.11 5.43 26.85
CA GLY A 82 -6.20 5.01 27.69
C GLY A 82 -5.75 4.89 29.14
N ALA A 83 -6.60 5.31 30.06
CA ALA A 83 -6.36 5.01 31.47
C ALA A 83 -6.65 3.55 31.77
N GLY A 84 -5.73 2.90 32.47
CA GLY A 84 -5.97 1.56 33.03
C GLY A 84 -5.41 0.40 32.23
N GLY A 85 -4.51 0.69 31.29
CA GLY A 85 -3.87 -0.33 30.45
C GLY A 85 -4.73 -0.89 29.31
N HIS A 86 -5.80 -0.17 28.96
CA HIS A 86 -6.70 -0.53 27.85
C HIS A 86 -7.02 0.72 27.05
N PHE A 87 -6.95 0.61 25.72
CA PHE A 87 -7.25 1.73 24.84
C PHE A 87 -8.73 1.86 24.58
N CYS A 88 -9.37 0.77 24.17
CA CYS A 88 -10.81 0.77 23.90
C CYS A 88 -11.36 -0.65 23.74
N ALA A 89 -12.33 -1.02 24.58
CA ALA A 89 -12.87 -2.36 24.61
C ALA A 89 -13.88 -2.62 23.50
N GLY A 90 -14.38 -1.58 22.87
CA GLY A 90 -15.43 -1.76 21.89
C GLY A 90 -16.38 -0.63 22.04
N GLY A 91 -17.59 -0.79 21.53
CA GLY A 91 -18.60 0.21 21.73
C GLY A 91 -19.26 0.01 23.10
N ASP A 92 -20.22 0.88 23.39
CA ASP A 92 -20.97 0.86 24.62
C ASP A 92 -22.29 0.23 24.26
N ILE A 93 -22.54 -0.94 24.84
CA ILE A 93 -23.82 -1.63 24.67
C ILE A 93 -25.03 -0.70 24.98
N LYS A 94 -24.84 0.28 25.86
CA LYS A 94 -25.92 1.17 26.25
C LYS A 94 -26.42 2.05 25.13
N ASP A 95 -25.50 2.59 24.32
CA ASP A 95 -25.91 3.45 23.18
C ASP A 95 -26.75 2.64 22.19
N MSE A 96 -26.37 1.40 22.00
CA MSE A 96 -27.15 0.49 21.17
C MSE A 96 -28.53 0.28 21.80
O MSE A 96 -29.57 0.47 21.14
CB MSE A 96 -26.42 -0.85 21.06
CG MSE A 96 -25.26 -0.80 20.07
SE MSE A 96 -25.87 -0.74 18.18
CE MSE A 96 -27.07 -2.31 18.01
N ALA A 97 -28.55 -0.10 23.07
CA ALA A 97 -29.85 -0.28 23.75
C ALA A 97 -30.67 0.98 23.61
N GLY A 98 -30.08 2.11 23.97
CA GLY A 98 -30.72 3.42 23.68
C GLY A 98 -31.30 3.56 22.30
N ALA A 99 -30.52 3.19 21.28
CA ALA A 99 -30.96 3.37 19.89
C ALA A 99 -32.06 2.38 19.48
N ARG A 100 -31.99 1.15 19.95
CA ARG A 100 -33.13 0.22 19.73
C ARG A 100 -34.42 0.79 20.26
N SER A 101 -34.32 1.45 21.41
CA SER A 101 -35.50 1.89 22.11
C SER A 101 -36.12 3.09 21.43
N GLN A 102 -35.37 3.79 20.58
CA GLN A 102 -35.92 4.97 19.89
C GLN A 102 -36.80 4.55 18.70
N LYS A 103 -37.45 5.53 18.09
CA LYS A 103 -38.34 5.23 16.98
C LYS A 103 -37.53 4.82 15.73
N ALA A 104 -37.96 3.73 15.08
CA ALA A 104 -37.32 3.28 13.84
C ALA A 104 -37.59 4.22 12.65
N GLY A 105 -36.56 4.87 12.15
CA GLY A 105 -36.60 5.45 10.82
C GLY A 105 -36.04 4.38 9.90
N GLU A 106 -36.04 4.66 8.60
CA GLU A 106 -35.48 3.69 7.65
C GLU A 106 -34.21 4.16 6.93
N GLY A 107 -33.89 5.46 6.98
CA GLY A 107 -32.86 6.00 6.11
C GLY A 107 -31.64 6.39 6.89
N ARG A 108 -31.32 7.67 6.79
CA ARG A 108 -30.38 8.32 7.65
C ARG A 108 -31.15 8.76 8.85
N ASP A 109 -32.45 8.44 8.85
CA ASP A 109 -33.28 8.75 10.00
C ASP A 109 -33.19 7.64 11.06
N ASP A 110 -32.83 6.43 10.62
CA ASP A 110 -32.59 5.28 11.51
C ASP A 110 -31.56 5.54 12.62
N PRO A 111 -31.93 5.39 13.91
CA PRO A 111 -30.99 5.66 15.03
C PRO A 111 -29.69 4.85 15.05
N PHE A 112 -29.71 3.71 14.38
CA PHE A 112 -28.52 2.90 14.21
C PHE A 112 -27.57 3.52 13.16
N TYR A 113 -28.11 4.10 12.09
CA TYR A 113 -27.31 4.89 11.17
C TYR A 113 -26.63 6.01 11.92
N LYS A 114 -27.41 6.84 12.59
CA LYS A 114 -26.87 8.04 13.26
C LYS A 114 -25.83 7.66 14.27
N LEU A 115 -26.11 6.61 15.01
CA LEU A 115 -25.13 6.13 15.99
C LEU A 115 -23.78 5.73 15.33
N ASN A 116 -23.87 4.86 14.35
CA ASN A 116 -22.69 4.35 13.70
C ASN A 116 -21.89 5.46 12.95
N ARG A 117 -22.59 6.31 12.22
CA ARG A 117 -21.95 7.27 11.36
C ARG A 117 -21.06 8.23 12.12
N ALA A 118 -21.45 8.58 13.34
CA ALA A 118 -20.68 9.53 14.13
C ALA A 118 -19.31 8.95 14.48
N PHE A 119 -19.17 7.62 14.48
CA PHE A 119 -17.85 7.09 14.73
C PHE A 119 -16.92 7.44 13.53
N GLY A 120 -17.38 7.22 12.31
CA GLY A 120 -16.63 7.58 11.12
C GLY A 120 -16.29 9.06 10.98
N GLN A 121 -17.23 9.96 11.30
CA GLN A 121 -16.99 11.40 11.25
C GLN A 121 -15.83 11.75 12.13
N MSE A 122 -15.87 11.27 13.36
CA MSE A 122 -14.82 11.59 14.28
C MSE A 122 -13.48 11.00 13.87
O MSE A 122 -12.45 11.68 13.95
CB MSE A 122 -15.23 11.14 15.65
CG MSE A 122 -14.26 11.67 16.68
SE MSE A 122 -12.86 10.33 17.02
CE MSE A 122 -13.96 8.78 17.60
N ILE A 123 -13.46 9.75 13.42
CA ILE A 123 -12.21 9.13 13.02
C ILE A 123 -11.55 9.87 11.84
N GLN A 124 -12.37 10.27 10.88
CA GLN A 124 -11.94 10.98 9.69
C GLN A 124 -11.40 12.34 10.09
N GLN A 125 -12.12 13.01 10.98
CA GLN A 125 -11.68 14.28 11.49
C GLN A 125 -10.31 14.14 12.13
N VAL A 126 -10.12 13.14 12.97
CA VAL A 126 -8.79 12.96 13.62
C VAL A 126 -7.67 12.70 12.58
N ASN A 127 -8.00 11.95 11.53
CA ASN A 127 -7.06 11.61 10.48
C ASN A 127 -6.52 12.87 9.82
N GLU A 128 -7.42 13.82 9.58
CA GLU A 128 -7.14 15.04 8.86
C GLU A 128 -6.79 16.26 9.72
N SER A 129 -6.62 16.04 11.02
CA SER A 129 -6.29 17.08 11.95
C SER A 129 -4.93 17.66 11.60
N SER A 130 -4.72 18.95 11.84
CA SER A 130 -3.44 19.60 11.52
C SER A 130 -2.40 19.31 12.56
N LYS A 131 -2.78 18.59 13.59
CA LYS A 131 -1.88 18.28 14.66
C LYS A 131 -1.25 16.93 14.35
N VAL A 132 -0.04 16.74 14.83
CA VAL A 132 0.59 15.44 14.86
C VAL A 132 -0.09 14.59 15.91
N VAL A 133 -0.66 13.47 15.50
CA VAL A 133 -1.51 12.68 16.36
C VAL A 133 -0.78 11.42 16.73
N ILE A 134 -0.56 11.18 18.01
CA ILE A 134 0.19 10.02 18.49
C ILE A 134 -0.73 9.17 19.34
N ALA A 135 -0.77 7.87 19.06
CA ALA A 135 -1.65 6.96 19.75
C ALA A 135 -0.81 6.00 20.50
N ILE A 136 -1.05 5.91 21.81
CA ILE A 136 -0.36 4.99 22.66
C ILE A 136 -1.37 3.92 22.98
N THR A 137 -1.04 2.70 22.61
CA THR A 137 -2.06 1.72 22.36
C THR A 137 -1.81 0.51 23.27
N GLU A 138 -2.62 0.38 24.31
CA GLU A 138 -2.39 -0.62 25.36
C GLU A 138 -3.61 -1.50 25.55
N GLY A 139 -3.38 -2.77 25.79
CA GLY A 139 -4.45 -3.73 26.05
C GLY A 139 -5.42 -3.92 24.89
N ALA A 140 -6.72 -3.85 25.20
CA ALA A 140 -7.74 -3.98 24.19
C ALA A 140 -7.76 -2.77 23.25
N VAL A 141 -7.75 -3.06 21.96
CA VAL A 141 -7.90 -2.03 20.93
C VAL A 141 -8.96 -2.44 19.92
N MSE A 142 -10.17 -1.95 20.11
CA MSE A 142 -11.30 -2.42 19.33
C MSE A 142 -12.13 -1.29 18.90
O MSE A 142 -12.02 -0.17 19.41
CB MSE A 142 -12.21 -3.28 20.21
CG MSE A 142 -11.46 -4.24 21.12
SE MSE A 142 -10.99 -5.84 20.08
CE MSE A 142 -9.18 -6.27 20.70
N GLY A 143 -13.06 -1.61 18.03
CA GLY A 143 -14.05 -0.63 17.59
C GLY A 143 -13.38 0.69 17.33
N GLY A 144 -13.98 1.76 17.84
CA GLY A 144 -13.55 3.13 17.63
C GLY A 144 -12.11 3.37 17.97
N GLY A 145 -11.59 2.61 18.92
CA GLY A 145 -10.21 2.77 19.34
C GLY A 145 -9.23 2.22 18.34
N PHE A 146 -9.61 1.11 17.72
CA PHE A 146 -8.84 0.54 16.63
C PHE A 146 -8.82 1.56 15.46
N GLY A 147 -9.95 2.21 15.21
CA GLY A 147 -10.04 3.23 14.17
C GLY A 147 -9.09 4.38 14.41
N LEU A 148 -9.10 4.90 15.65
CA LEU A 148 -8.20 6.00 16.03
C LEU A 148 -6.73 5.64 15.85
N ALA A 149 -6.37 4.43 16.23
CA ALA A 149 -5.01 3.97 16.00
C ALA A 149 -4.71 3.99 14.51
N CYS A 150 -5.72 3.67 13.69
CA CYS A 150 -5.54 3.59 12.24
C CYS A 150 -5.43 4.95 11.58
N VAL A 151 -5.61 6.02 12.34
CA VAL A 151 -5.49 7.33 11.75
C VAL A 151 -4.46 8.21 12.44
N SER A 152 -3.60 7.61 13.26
CA SER A 152 -2.52 8.34 13.90
C SER A 152 -1.30 8.52 12.98
N ASP A 153 -0.54 9.57 13.26
CA ASP A 153 0.70 9.84 12.56
C ASP A 153 1.80 8.99 13.12
N LEU A 154 1.71 8.69 14.41
CA LEU A 154 2.57 7.68 15.03
C LEU A 154 1.75 6.90 16.06
N ALA A 155 1.87 5.57 16.04
CA ALA A 155 1.23 4.70 17.00
C ALA A 155 2.29 3.83 17.62
N ILE A 156 2.28 3.78 18.94
CA ILE A 156 3.22 2.94 19.64
C ILE A 156 2.43 1.99 20.48
N ALA A 157 2.78 0.71 20.40
CA ALA A 157 2.05 -0.29 21.15
C ALA A 157 2.81 -0.72 22.38
N GLY A 158 2.02 -0.88 23.43
CA GLY A 158 2.46 -1.61 24.60
C GLY A 158 2.42 -3.09 24.32
N PRO A 159 3.11 -3.89 25.15
CA PRO A 159 3.28 -5.30 24.85
C PRO A 159 2.01 -6.13 25.01
N THR A 160 0.98 -5.59 25.66
CA THR A 160 -0.28 -6.30 25.80
C THR A 160 -1.32 -5.87 24.77
N ALA A 161 -0.96 -5.00 23.83
CA ALA A 161 -1.94 -4.48 22.86
C ALA A 161 -2.55 -5.61 22.01
N LYS A 162 -3.87 -5.64 21.97
CA LYS A 162 -4.64 -6.61 21.18
C LYS A 162 -5.59 -5.86 20.22
N PHE A 163 -5.57 -6.25 18.95
CA PHE A 163 -6.34 -5.54 17.91
C PHE A 163 -7.28 -6.53 17.26
N GLY A 164 -8.57 -6.25 17.23
CA GLY A 164 -9.51 -7.23 16.69
C GLY A 164 -10.73 -6.66 16.04
N MSE A 165 -11.30 -7.44 15.12
CA MSE A 165 -12.59 -7.13 14.57
C MSE A 165 -13.47 -8.36 14.62
O MSE A 165 -13.64 -9.09 13.63
CB MSE A 165 -12.41 -6.58 13.17
CG MSE A 165 -12.00 -5.11 13.23
SE MSE A 165 -11.79 -4.46 11.38
CE MSE A 165 -10.14 -5.49 11.11
N PRO A 166 -14.08 -8.59 15.78
CA PRO A 166 -15.03 -9.67 15.96
C PRO A 166 -16.41 -9.37 15.39
N GLU A 167 -16.62 -8.19 14.84
CA GLU A 167 -17.97 -7.79 14.45
C GLU A 167 -18.72 -8.86 13.62
N THR A 168 -18.12 -9.41 12.56
CA THR A 168 -18.86 -10.35 11.76
C THR A 168 -19.23 -11.63 12.48
N THR A 169 -18.48 -12.02 13.51
CA THR A 169 -18.88 -13.15 14.36
C THR A 169 -20.15 -12.87 15.14
N LEU A 170 -20.53 -11.61 15.27
CA LEU A 170 -21.76 -11.22 15.95
C LEU A 170 -22.80 -10.81 14.95
N GLY A 171 -22.55 -11.04 13.67
CA GLY A 171 -23.53 -10.67 12.64
C GLY A 171 -23.59 -9.17 12.37
N VAL A 172 -22.54 -8.46 12.76
CA VAL A 172 -22.46 -7.00 12.64
C VAL A 172 -21.40 -6.64 11.59
N ILE A 173 -21.62 -5.54 10.88
CA ILE A 173 -20.69 -5.02 9.89
C ILE A 173 -19.74 -4.10 10.65
N PRO A 174 -18.40 -4.30 10.53
CA PRO A 174 -17.43 -3.31 11.09
C PRO A 174 -17.34 -2.11 10.20
N ALA A 175 -18.44 -1.37 10.11
CA ALA A 175 -18.66 -0.49 8.99
C ALA A 175 -17.78 0.76 8.95
N GLN A 176 -17.58 1.34 10.12
CA GLN A 176 -16.86 2.57 10.24
C GLN A 176 -15.40 2.31 10.49
N ILE A 177 -15.01 1.09 10.84
CA ILE A 177 -13.62 0.79 11.22
C ILE A 177 -12.85 0.19 10.07
N ALA A 178 -13.41 -0.80 9.41
CA ALA A 178 -12.69 -1.55 8.41
C ALA A 178 -12.13 -0.66 7.29
N PRO A 179 -12.90 0.34 6.85
CA PRO A 179 -12.34 1.22 5.83
C PRO A 179 -11.05 1.92 6.27
N PHE A 180 -10.94 2.32 7.52
CA PHE A 180 -9.65 2.89 7.96
C PHE A 180 -8.57 1.86 8.10
N VAL A 181 -8.96 0.60 8.31
CA VAL A 181 -8.00 -0.47 8.41
C VAL A 181 -7.41 -0.70 7.01
N VAL A 182 -8.25 -0.60 6.00
CA VAL A 182 -7.77 -0.74 4.60
C VAL A 182 -6.75 0.37 4.25
N GLU A 183 -7.01 1.61 4.64
CA GLU A 183 -6.05 2.69 4.38
C GLU A 183 -4.81 2.51 5.17
N ARG A 184 -4.96 2.04 6.38
CA ARG A 184 -3.84 1.91 7.27
C ARG A 184 -2.90 0.87 6.75
N ILE A 185 -3.40 -0.32 6.49
CA ILE A 185 -2.47 -1.43 6.19
C ILE A 185 -2.61 -1.98 4.79
N GLY A 186 -3.58 -1.48 4.01
CA GLY A 186 -3.85 -2.06 2.67
C GLY A 186 -4.88 -3.17 2.59
N LEU A 187 -5.46 -3.29 1.41
CA LEU A 187 -6.53 -4.23 1.17
C LEU A 187 -6.12 -5.65 1.40
N THR A 188 -4.93 -6.01 0.97
CA THR A 188 -4.47 -7.39 1.11
C THR A 188 -4.44 -7.89 2.57
N GLN A 189 -3.85 -7.11 3.48
CA GLN A 189 -3.76 -7.53 4.87
C GLN A 189 -5.08 -7.29 5.64
N ALA A 190 -5.78 -6.24 5.28
CA ALA A 190 -7.09 -5.95 5.86
C ALA A 190 -8.15 -7.00 5.61
N ARG A 191 -8.21 -7.52 4.37
CA ARG A 191 -9.08 -8.63 3.99
C ARG A 191 -9.04 -9.76 4.96
N ARG A 192 -7.83 -10.20 5.24
CA ARG A 192 -7.63 -11.35 6.10
C ARG A 192 -8.14 -11.03 7.50
N LEU A 193 -7.76 -9.85 8.03
CA LEU A 193 -8.13 -9.47 9.39
C LEU A 193 -9.60 -9.31 9.55
N ALA A 194 -10.24 -8.65 8.59
CA ALA A 194 -11.62 -8.24 8.75
C ALA A 194 -12.55 -9.43 8.51
N LEU A 195 -12.28 -10.17 7.46
CA LEU A 195 -13.21 -11.20 7.00
C LEU A 195 -13.11 -12.50 7.77
N LEU A 196 -11.96 -12.79 8.34
CA LEU A 196 -11.84 -13.86 9.31
C LEU A 196 -12.02 -13.41 10.78
N GLY A 197 -12.34 -12.14 10.98
CA GLY A 197 -12.59 -11.60 12.31
C GLY A 197 -11.50 -11.90 13.31
N LEU A 198 -10.25 -11.69 12.92
CA LEU A 198 -9.11 -12.07 13.75
C LEU A 198 -8.77 -11.04 14.84
N ARG A 199 -8.09 -11.51 15.87
CA ARG A 199 -7.58 -10.66 16.92
C ARG A 199 -6.09 -10.85 16.89
N ILE A 200 -5.32 -9.78 16.78
CA ILE A 200 -3.88 -9.98 16.71
C ILE A 200 -3.18 -9.20 17.80
N ASP A 201 -1.91 -9.54 18.00
CA ASP A 201 -1.10 -8.95 19.06
C ASP A 201 -0.20 -7.82 18.52
N ALA A 202 0.59 -7.25 19.44
CA ALA A 202 1.36 -6.06 19.18
C ALA A 202 2.38 -6.29 18.12
N THR A 203 3.03 -7.44 18.17
CA THR A 203 4.07 -7.74 17.23
C THR A 203 3.54 -7.91 15.82
N GLU A 204 2.36 -8.52 15.68
CA GLU A 204 1.78 -8.71 14.35
C GLU A 204 1.24 -7.37 13.81
N ALA A 205 0.61 -6.59 14.69
CA ALA A 205 0.13 -5.26 14.36
C ALA A 205 1.22 -4.32 13.83
N CYS A 206 2.43 -4.45 14.37
CA CYS A 206 3.56 -3.65 13.95
C CYS A 206 4.06 -4.12 12.59
N LYS A 207 4.21 -5.42 12.45
CA LYS A 207 4.57 -5.97 11.14
C LYS A 207 3.62 -5.52 10.03
N LEU A 208 2.33 -5.42 10.33
CA LEU A 208 1.35 -5.06 9.33
C LEU A 208 1.22 -3.57 9.10
N GLY A 209 1.67 -2.78 10.07
CA GLY A 209 1.60 -1.33 9.98
C GLY A 209 0.40 -0.72 10.66
N ILE A 210 -0.30 -1.48 11.52
CA ILE A 210 -1.33 -0.85 12.33
C ILE A 210 -0.63 0.11 13.27
N VAL A 211 0.47 -0.36 13.87
CA VAL A 211 1.32 0.47 14.73
C VAL A 211 2.72 0.55 14.15
N HIS A 212 3.45 1.60 14.51
CA HIS A 212 4.80 1.82 13.96
C HIS A 212 5.89 1.18 14.81
N GLN A 213 5.63 1.01 16.10
CA GLN A 213 6.66 0.56 17.04
C GLN A 213 6.00 -0.21 18.15
N VAL A 214 6.71 -1.18 18.69
CA VAL A 214 6.28 -1.85 19.89
C VAL A 214 7.30 -1.69 21.03
N ALA A 215 6.80 -1.30 22.19
CA ALA A 215 7.60 -1.18 23.39
C ALA A 215 7.46 -2.45 24.23
N GLU A 216 8.59 -2.99 24.68
CA GLU A 216 8.57 -4.20 25.51
C GLU A 216 8.38 -3.94 27.02
N SER A 217 8.16 -2.69 27.44
CA SER A 217 7.82 -2.38 28.83
C SER A 217 7.13 -1.04 28.94
N GLU A 218 6.55 -0.76 30.10
CA GLU A 218 5.99 0.57 30.38
C GLU A 218 7.07 1.66 30.28
N GLU A 219 8.32 1.27 30.55
CA GLU A 219 9.46 2.19 30.53
C GLU A 219 9.81 2.62 29.11
N GLN A 220 9.93 1.65 28.24
CA GLN A 220 10.33 1.90 26.87
C GLN A 220 9.28 2.77 26.18
N LEU A 221 8.02 2.56 26.55
CA LEU A 221 6.92 3.39 26.06
C LEU A 221 7.20 4.84 26.32
N SER A 222 7.53 5.13 27.57
CA SER A 222 7.82 6.51 27.97
C SER A 222 8.94 7.11 27.15
N ASP A 223 10.03 6.38 27.00
CA ASP A 223 11.17 6.87 26.24
C ASP A 223 10.75 7.15 24.78
N MSE A 224 10.07 6.19 24.19
CA MSE A 224 9.59 6.28 22.81
C MSE A 224 8.65 7.45 22.68
O MSE A 224 8.75 8.24 21.74
CB MSE A 224 8.91 4.98 22.42
CG MSE A 224 9.89 3.86 22.14
SE MSE A 224 8.89 2.18 21.70
CE MSE A 224 10.30 1.26 20.68
N LEU A 225 7.74 7.61 23.63
CA LEU A 225 6.84 8.75 23.55
C LEU A 225 7.63 10.08 23.63
N ASN A 226 8.61 10.12 24.52
CA ASN A 226 9.38 11.36 24.74
C ASN A 226 10.19 11.68 23.51
N GLN A 227 10.86 10.68 22.95
CA GLN A 227 11.61 10.88 21.70
C GLN A 227 10.75 11.48 20.58
N ALA A 228 9.50 11.07 20.54
CA ALA A 228 8.62 11.46 19.48
C ALA A 228 8.14 12.86 19.75
N LEU A 229 7.87 13.17 21.00
CA LEU A 229 7.53 14.57 21.39
C LEU A 229 8.75 15.50 21.20
N GLU A 230 9.95 15.01 21.45
CA GLU A 230 11.15 15.75 21.09
C GLU A 230 11.09 16.16 19.61
N ARG A 231 10.72 15.19 18.77
CA ARG A 231 10.65 15.42 17.34
C ARG A 231 9.61 16.46 16.98
N VAL A 232 8.48 16.43 17.67
CA VAL A 232 7.41 17.40 17.42
C VAL A 232 7.87 18.81 17.76
N ARG A 233 8.63 18.92 18.85
CA ARG A 233 9.14 20.22 19.28
C ARG A 233 10.06 20.83 18.22
N LEU A 234 10.87 19.99 17.57
CA LEU A 234 11.83 20.48 16.60
C LEU A 234 11.18 20.81 15.29
N CYS A 235 9.99 20.27 15.02
CA CYS A 235 9.35 20.50 13.73
C CYS A 235 8.46 21.72 13.76
N ALA A 236 8.41 22.43 12.65
CA ALA A 236 7.66 23.68 12.60
C ALA A 236 6.20 23.44 12.36
N PRO A 237 5.33 24.07 13.18
CA PRO A 237 3.88 23.78 13.17
C PRO A 237 3.17 24.08 11.86
N ASP A 238 3.40 25.23 11.28
CA ASP A 238 2.71 25.56 10.05
C ASP A 238 3.16 24.62 8.92
N ALA A 239 4.48 24.46 8.80
CA ALA A 239 5.03 23.57 7.77
C ALA A 239 4.53 22.13 7.97
N THR A 240 4.40 21.73 9.21
CA THR A 240 3.99 20.38 9.53
C THR A 240 2.55 20.21 9.07
N ALA A 241 1.69 21.15 9.41
CA ALA A 241 0.29 21.12 8.99
C ALA A 241 0.11 21.11 7.46
N GLU A 242 0.87 21.95 6.76
CA GLU A 242 0.74 22.01 5.30
C GLU A 242 1.22 20.71 4.65
N THR A 243 2.24 20.13 5.25
CA THR A 243 2.77 18.92 4.73
C THR A 243 1.77 17.79 4.87
N LYS A 244 1.17 17.70 6.05
CA LYS A 244 0.22 16.65 6.37
C LYS A 244 -0.97 16.66 5.40
N ALA A 245 -1.54 17.83 5.14
CA ALA A 245 -2.62 17.97 4.16
C ALA A 245 -2.19 17.53 2.76
N LEU A 246 -0.92 17.74 2.40
CA LEU A 246 -0.46 17.30 1.09
C LEU A 246 -0.40 15.79 1.01
N LEU A 247 0.04 15.17 2.09
CA LEU A 247 0.12 13.72 2.19
C LEU A 247 -1.21 13.02 1.97
N HIS A 248 -2.29 13.58 2.55
CA HIS A 248 -3.62 12.95 2.40
C HIS A 248 -4.15 13.02 1.01
N ARG A 249 -3.66 13.97 0.20
CA ARG A 249 -4.07 14.07 -1.20
C ARG A 249 -3.40 13.11 -2.14
N VAL A 250 -2.30 12.50 -1.73
CA VAL A 250 -1.56 11.66 -2.64
C VAL A 250 -2.38 10.43 -2.94
N GLY A 251 -2.48 10.11 -4.22
CA GLY A 251 -3.21 8.93 -4.66
C GLY A 251 -4.69 9.15 -4.98
N HIS A 252 -5.23 10.33 -4.65
CA HIS A 252 -6.63 10.69 -4.88
C HIS A 252 -6.82 11.76 -5.96
N GLU A 253 -5.73 12.22 -6.55
CA GLU A 253 -5.75 13.15 -7.67
C GLU A 253 -4.44 12.94 -8.44
N ALA A 254 -4.37 13.42 -9.67
CA ALA A 254 -3.17 13.19 -10.46
C ALA A 254 -1.94 13.89 -9.81
N MSE A 255 -0.82 13.18 -9.76
CA MSE A 255 0.40 13.66 -9.08
C MSE A 255 0.87 15.03 -9.57
O MSE A 255 1.27 15.90 -8.79
CB MSE A 255 1.41 12.55 -9.41
CG MSE A 255 2.79 12.81 -8.79
SE MSE A 255 2.66 12.99 -6.81
CE MSE A 255 3.15 11.14 -6.33
N ALA A 256 0.79 15.25 -10.86
CA ALA A 256 1.32 16.49 -11.49
C ALA A 256 0.61 17.75 -10.99
N GLY A 257 -0.72 17.67 -10.90
CA GLY A 257 -1.48 18.79 -10.33
C GLY A 257 -1.22 18.94 -8.85
N LEU A 258 -1.12 17.82 -8.15
CA LEU A 258 -0.73 17.90 -6.72
C LEU A 258 0.63 18.60 -6.50
N LEU A 259 1.63 18.22 -7.27
CA LEU A 259 2.98 18.83 -7.18
C LEU A 259 2.99 20.31 -7.54
N ASP A 260 2.14 20.71 -8.52
CA ASP A 260 1.89 22.14 -8.82
C ASP A 260 1.45 22.85 -7.55
N ASP A 261 0.41 22.29 -6.96
CA ASP A 261 -0.12 22.87 -5.73
C ASP A 261 0.93 22.82 -4.62
N ALA A 262 1.62 21.69 -4.51
CA ALA A 262 2.67 21.57 -3.49
C ALA A 262 3.75 22.69 -3.66
N ALA A 263 4.12 23.00 -4.91
CA ALA A 263 5.13 24.06 -5.12
C ALA A 263 4.67 25.46 -4.72
N GLU A 264 3.38 25.77 -4.92
CA GLU A 264 2.81 27.02 -4.40
C GLU A 264 2.90 27.06 -2.92
N LYS A 265 2.55 25.97 -2.25
CA LYS A 265 2.68 25.95 -0.78
C LYS A 265 4.13 26.14 -0.32
N PHE A 266 5.09 25.55 -1.05
CA PHE A 266 6.52 25.78 -0.75
C PHE A 266 6.90 27.26 -0.89
N ALA A 267 6.50 27.87 -2.00
CA ALA A 267 6.85 29.28 -2.22
C ALA A 267 6.25 30.13 -1.11
N ALA A 268 4.99 29.86 -0.79
CA ALA A 268 4.32 30.58 0.28
C ALA A 268 5.02 30.40 1.64
N ALA A 269 5.39 29.18 2.00
CA ALA A 269 6.07 28.97 3.29
C ALA A 269 7.42 29.70 3.36
N ILE A 270 8.17 29.68 2.26
CA ILE A 270 9.46 30.33 2.22
C ILE A 270 9.32 31.83 2.52
N ARG A 271 8.32 32.49 1.94
CA ARG A 271 8.09 33.94 2.13
C ARG A 271 7.33 34.32 3.38
N GLY A 272 6.82 33.34 4.09
CA GLY A 272 6.08 33.58 5.30
C GLY A 272 7.03 33.52 6.46
N PRO A 273 6.53 33.86 7.67
CA PRO A 273 7.33 34.13 8.87
C PRO A 273 8.09 32.91 9.39
N GLU A 274 7.56 31.72 9.16
CA GLU A 274 8.17 30.49 9.73
C GLU A 274 9.45 30.14 8.99
N GLY A 275 9.35 30.20 7.66
CA GLY A 275 10.48 29.97 6.76
C GLY A 275 11.58 31.00 6.97
N ALA A 276 11.19 32.26 7.04
CA ALA A 276 12.12 33.34 7.45
C ALA A 276 12.86 32.95 8.73
N GLU A 277 12.10 32.68 9.79
CA GLU A 277 12.70 32.29 11.05
C GLU A 277 13.64 31.11 10.88
N GLY A 278 13.23 30.15 10.06
CA GLY A 278 13.98 28.90 9.97
C GLY A 278 15.31 29.08 9.27
N THR A 279 15.37 30.04 8.36
CA THR A 279 16.63 30.29 7.70
C THR A 279 17.63 30.79 8.75
N MSE A 280 17.29 31.89 9.44
CA MSE A 280 18.14 32.47 10.50
C MSE A 280 18.70 31.43 11.44
O MSE A 280 19.88 31.44 11.77
CB MSE A 280 17.37 33.53 11.30
CG MSE A 280 16.77 34.63 10.40
SE MSE A 280 17.28 36.50 10.87
CE MSE A 280 19.24 36.40 10.92
N ALA A 281 17.86 30.49 11.86
CA ALA A 281 18.26 29.47 12.84
C ALA A 281 19.36 28.51 12.34
N PHE A 282 19.32 28.15 11.06
CA PHE A 282 20.32 27.25 10.45
C PHE A 282 21.62 28.02 10.17
N MSE A 283 21.49 29.33 9.95
CA MSE A 283 22.66 30.20 9.81
C MSE A 283 23.52 30.12 11.06
O MSE A 283 24.71 29.81 10.98
CB MSE A 283 22.28 31.67 9.51
CG MSE A 283 21.24 31.82 8.39
SE MSE A 283 21.20 33.60 7.52
CE MSE A 283 19.33 34.21 7.55
N GLN A 284 22.92 30.34 12.23
CA GLN A 284 23.69 30.50 13.50
C GLN A 284 23.77 29.25 14.37
N LYS A 285 23.49 28.09 13.77
CA LYS A 285 23.51 26.79 14.47
C LYS A 285 22.64 26.71 15.75
N ARG A 286 21.72 27.66 15.87
CA ARG A 286 20.85 27.76 17.05
C ARG A 286 19.47 27.19 16.73
N GLU A 287 18.74 26.78 17.77
CA GLU A 287 17.39 26.23 17.59
C GLU A 287 16.40 27.34 17.21
N PRO A 288 15.44 27.04 16.31
CA PRO A 288 14.46 28.04 15.90
C PRO A 288 13.43 28.35 17.00
N LYS A 289 12.73 29.47 16.89
CA LYS A 289 11.72 29.89 17.88
C LYS A 289 10.81 28.75 18.33
N TRP A 290 10.13 28.11 17.37
CA TRP A 290 9.16 27.04 17.67
C TRP A 290 9.74 25.90 18.52
N ALA A 291 11.06 25.81 18.61
CA ALA A 291 11.68 24.70 19.33
C ALA A 291 12.15 24.99 20.76
N GLU A 292 11.79 26.13 21.36
CA GLU A 292 12.43 26.54 22.65
C GLU A 292 11.71 26.08 23.94
N LEU A 293 12.51 25.62 24.91
CA LEU A 293 12.05 24.93 26.15
C LEU A 293 11.69 23.48 25.84
N CYS B 29 27.64 17.08 -20.49
CA CYS B 29 27.16 17.18 -19.07
C CYS B 29 28.21 17.68 -18.05
N GLU B 30 27.77 18.56 -17.16
CA GLU B 30 28.61 19.23 -16.19
C GLU B 30 28.48 18.68 -14.78
N THR B 31 27.32 18.12 -14.45
CA THR B 31 27.08 17.59 -13.11
C THR B 31 27.01 16.06 -13.06
N LEU B 32 27.12 15.42 -14.22
CA LEU B 32 26.91 13.97 -14.38
C LEU B 32 28.00 13.33 -15.27
N ILE B 33 28.43 12.12 -14.91
CA ILE B 33 29.21 11.30 -15.82
C ILE B 33 28.29 10.29 -16.46
N LEU B 34 28.24 10.30 -17.78
CA LEU B 34 27.49 9.32 -18.55
C LEU B 34 28.45 8.28 -19.10
N GLU B 35 28.14 7.01 -18.86
CA GLU B 35 28.91 5.92 -19.44
C GLU B 35 27.93 4.89 -20.00
N LYS B 36 27.94 4.69 -21.31
CA LYS B 36 27.17 3.59 -21.88
C LYS B 36 28.02 2.35 -21.67
N GLN B 37 27.37 1.20 -21.65
CA GLN B 37 27.92 0.00 -21.09
C GLN B 37 26.94 -1.12 -21.44
N GLY B 38 26.94 -1.51 -22.71
CA GLY B 38 25.98 -2.50 -23.22
C GLY B 38 24.66 -1.78 -23.46
N PRO B 39 23.55 -2.45 -23.14
CA PRO B 39 22.27 -1.77 -23.22
C PRO B 39 21.92 -0.97 -21.95
N THR B 40 22.91 -0.61 -21.12
CA THR B 40 22.63 0.08 -19.87
C THR B 40 23.42 1.38 -19.76
N LEU B 41 22.73 2.50 -19.53
CA LEU B 41 23.39 3.77 -19.30
C LEU B 41 23.69 4.02 -17.81
N VAL B 42 24.96 4.18 -17.46
CA VAL B 42 25.35 4.46 -16.09
C VAL B 42 25.48 5.96 -15.95
N ILE B 43 24.65 6.54 -15.09
CA ILE B 43 24.65 7.96 -14.84
C ILE B 43 25.18 8.15 -13.45
N THR B 44 26.34 8.79 -13.35
CA THR B 44 26.97 9.02 -12.05
C THR B 44 26.78 10.46 -11.76
N ILE B 45 26.22 10.73 -10.61
CA ILE B 45 25.97 12.08 -10.16
C ILE B 45 27.33 12.49 -9.67
N ASN B 46 27.79 13.64 -10.13
CA ASN B 46 29.19 13.96 -9.99
C ASN B 46 29.47 15.33 -9.41
N ARG B 47 29.05 15.56 -8.17
CA ARG B 47 29.46 16.75 -7.45
C ARG B 47 29.94 16.31 -6.09
N PRO B 48 30.93 15.40 -6.07
CA PRO B 48 31.44 14.83 -4.79
C PRO B 48 31.92 15.86 -3.79
N ASP B 49 32.50 16.95 -4.29
CA ASP B 49 32.95 18.08 -3.45
C ASP B 49 31.85 18.58 -2.50
N VAL B 50 30.60 18.62 -2.97
CA VAL B 50 29.49 19.07 -2.13
C VAL B 50 28.51 17.90 -1.79
N ARG B 51 29.07 16.70 -1.73
CA ARG B 51 28.35 15.44 -1.50
C ARG B 51 27.05 15.36 -2.32
N ASN B 52 27.18 15.74 -3.58
CA ASN B 52 26.20 15.56 -4.62
C ASN B 52 24.89 16.33 -4.43
N ALA B 53 24.96 17.44 -3.69
CA ALA B 53 23.85 18.39 -3.59
C ALA B 53 23.22 18.62 -4.96
N MSE B 54 21.89 18.58 -5.03
CA MSE B 54 21.22 18.64 -6.33
C MSE B 54 20.84 20.06 -6.72
O MSE B 54 20.01 20.69 -6.08
CB MSE B 54 19.99 17.75 -6.35
CG MSE B 54 19.42 17.67 -7.76
SE MSE B 54 17.99 16.30 -7.89
CE MSE B 54 19.10 14.73 -7.41
N SER B 55 21.38 20.49 -7.84
CA SER B 55 21.20 21.82 -8.35
C SER B 55 20.21 21.82 -9.49
N LEU B 56 19.61 22.99 -9.77
CA LEU B 56 18.76 23.15 -10.95
C LEU B 56 19.40 22.70 -12.22
N GLN B 57 20.69 22.96 -12.33
CA GLN B 57 21.45 22.47 -13.49
C GLN B 57 21.47 20.93 -13.56
N MSE B 58 21.69 20.27 -12.44
CA MSE B 58 21.62 18.81 -12.39
C MSE B 58 20.23 18.34 -12.75
O MSE B 58 20.05 17.46 -13.60
CB MSE B 58 22.03 18.32 -11.01
CG MSE B 58 22.12 16.80 -11.07
SE MSE B 58 22.55 16.12 -9.27
CE MSE B 58 24.36 16.93 -9.08
N VAL B 59 19.22 18.99 -12.15
CA VAL B 59 17.84 18.66 -12.47
C VAL B 59 17.62 18.71 -13.95
N ALA B 60 18.09 19.78 -14.58
CA ALA B 60 17.92 19.92 -16.03
C ALA B 60 18.69 18.89 -16.84
N GLU B 61 19.92 18.58 -16.44
CA GLU B 61 20.69 17.55 -17.12
C GLU B 61 19.98 16.19 -17.03
N LEU B 62 19.56 15.81 -15.82
CA LEU B 62 18.80 14.55 -15.65
C LEU B 62 17.57 14.53 -16.54
N SER B 63 16.80 15.61 -16.51
CA SER B 63 15.59 15.68 -17.33
C SER B 63 15.89 15.49 -18.83
N THR B 64 16.92 16.20 -19.31
CA THR B 64 17.39 16.07 -20.70
C THR B 64 17.88 14.62 -21.04
N ILE B 65 18.74 14.04 -20.22
CA ILE B 65 19.16 12.66 -20.47
C ILE B 65 17.95 11.72 -20.60
N PHE B 66 17.00 11.84 -19.70
CA PHE B 66 15.85 10.95 -19.76
C PHE B 66 14.95 11.17 -20.96
N SER B 67 14.77 12.41 -21.39
CA SER B 67 14.01 12.65 -22.66
C SER B 67 14.74 12.05 -23.87
N GLU B 68 16.05 12.23 -23.89
CA GLU B 68 16.88 11.75 -25.01
C GLU B 68 16.87 10.22 -25.11
N ILE B 69 16.95 9.51 -23.99
CA ILE B 69 17.01 8.04 -24.07
C ILE B 69 15.65 7.41 -24.19
N GLU B 70 14.59 8.22 -24.00
CA GLU B 70 13.22 7.70 -23.98
C GLU B 70 12.92 6.80 -25.16
N ASN B 71 13.49 7.14 -26.32
CA ASN B 71 13.23 6.39 -27.54
C ASN B 71 14.46 5.69 -28.13
N ASP B 72 15.66 6.04 -27.67
CA ASP B 72 16.86 5.31 -28.06
C ASP B 72 16.77 3.82 -27.66
N ILE B 73 16.56 2.97 -28.65
CA ILE B 73 16.20 1.58 -28.43
C ILE B 73 17.38 0.72 -27.97
N SER B 74 18.59 1.23 -28.09
CA SER B 74 19.75 0.48 -27.64
C SER B 74 19.95 0.57 -26.13
N ILE B 75 19.37 1.60 -25.50
CA ILE B 75 19.40 1.71 -24.03
C ILE B 75 18.18 1.07 -23.36
N ARG B 76 18.43 0.14 -22.45
CA ARG B 76 17.34 -0.62 -21.81
C ARG B 76 17.22 -0.29 -20.32
N ALA B 77 18.34 0.03 -19.68
CA ALA B 77 18.32 0.45 -18.28
C ALA B 77 19.17 1.70 -18.09
N ALA B 78 18.81 2.48 -17.07
CA ALA B 78 19.59 3.60 -16.54
C ALA B 78 19.92 3.35 -15.09
N VAL B 79 21.20 3.39 -14.74
CA VAL B 79 21.62 3.20 -13.37
C VAL B 79 22.00 4.56 -12.79
N LEU B 80 21.47 4.88 -11.62
CA LEU B 80 21.77 6.14 -10.97
C LEU B 80 22.60 5.84 -9.78
N ARG B 81 23.74 6.54 -9.67
CA ARG B 81 24.68 6.32 -8.57
C ARG B 81 25.43 7.63 -8.32
N GLY B 82 25.81 7.91 -7.09
CA GLY B 82 26.57 9.11 -6.80
C GLY B 82 28.05 8.80 -6.69
N ALA B 83 28.91 9.66 -7.23
CA ALA B 83 30.37 9.53 -7.00
C ALA B 83 30.70 9.89 -5.57
N GLY B 84 31.69 9.20 -5.00
CA GLY B 84 32.23 9.55 -3.68
C GLY B 84 31.47 9.09 -2.44
N GLY B 85 30.68 8.01 -2.55
CA GLY B 85 30.01 7.44 -1.37
C GLY B 85 28.75 8.12 -0.86
N HIS B 86 28.23 9.12 -1.59
CA HIS B 86 26.97 9.80 -1.23
C HIS B 86 26.05 9.94 -2.44
N PHE B 87 24.74 9.73 -2.25
CA PHE B 87 23.78 9.86 -3.33
C PHE B 87 23.36 11.30 -3.57
N CYS B 88 22.97 12.02 -2.52
CA CYS B 88 22.56 13.42 -2.63
C CYS B 88 22.41 13.98 -1.22
N ALA B 89 23.15 15.04 -0.93
CA ALA B 89 23.13 15.67 0.36
C ALA B 89 21.89 16.53 0.59
N GLY B 90 21.20 16.90 -0.48
CA GLY B 90 20.10 17.85 -0.33
C GLY B 90 20.06 18.78 -1.52
N GLY B 91 19.42 19.92 -1.35
CA GLY B 91 19.34 20.93 -2.40
C GLY B 91 20.62 21.78 -2.40
N ASP B 92 20.78 22.63 -3.41
CA ASP B 92 21.94 23.50 -3.53
C ASP B 92 21.50 24.84 -2.96
N ILE B 93 22.08 25.23 -1.82
CA ILE B 93 21.76 26.53 -1.23
C ILE B 93 21.88 27.70 -2.25
N LYS B 94 22.81 27.60 -3.21
CA LYS B 94 22.98 28.64 -4.21
C LYS B 94 21.79 28.86 -5.11
N ASP B 95 21.06 27.81 -5.45
CA ASP B 95 19.84 27.99 -6.23
C ASP B 95 18.83 28.83 -5.46
N MSE B 96 18.73 28.60 -4.16
CA MSE B 96 17.80 29.36 -3.31
C MSE B 96 18.19 30.82 -3.23
O MSE B 96 17.37 31.72 -3.45
CB MSE B 96 17.76 28.75 -1.89
CG MSE B 96 16.90 27.46 -1.78
SE MSE B 96 14.94 27.75 -2.02
CE MSE B 96 14.65 29.05 -0.55
N ALA B 97 19.46 31.08 -2.88
CA ALA B 97 20.06 32.43 -2.96
C ALA B 97 19.68 33.15 -4.25
N GLY B 98 19.90 32.49 -5.37
CA GLY B 98 19.50 32.99 -6.68
C GLY B 98 18.05 33.37 -6.79
N ALA B 99 17.18 32.50 -6.26
CA ALA B 99 15.75 32.73 -6.32
C ALA B 99 15.35 33.88 -5.41
N ARG B 100 15.94 33.94 -4.22
CA ARG B 100 15.68 35.04 -3.29
C ARG B 100 15.92 36.39 -3.95
N SER B 101 16.99 36.49 -4.74
CA SER B 101 17.42 37.79 -5.21
C SER B 101 16.71 38.16 -6.50
N GLN B 102 15.96 37.25 -7.09
CA GLN B 102 15.17 37.60 -8.25
C GLN B 102 13.93 38.34 -7.80
N LYS B 103 13.23 38.94 -8.74
CA LYS B 103 12.06 39.71 -8.38
C LYS B 103 10.98 38.75 -7.88
N ALA B 104 10.40 39.06 -6.73
CA ALA B 104 9.27 38.28 -6.19
C ALA B 104 8.13 38.19 -7.21
N GLY B 105 7.29 37.17 -7.09
CA GLY B 105 6.20 36.99 -8.03
C GLY B 105 4.93 36.51 -7.36
N GLU B 106 3.80 36.77 -8.02
CA GLU B 106 2.53 36.16 -7.64
C GLU B 106 2.45 34.72 -8.11
N GLY B 107 2.23 33.79 -7.17
CA GLY B 107 1.89 32.41 -7.50
C GLY B 107 2.89 31.74 -8.43
N ARG B 108 2.44 31.35 -9.62
CA ARG B 108 3.29 30.53 -10.50
C ARG B 108 4.36 31.30 -11.25
N ASP B 109 4.45 32.61 -11.03
CA ASP B 109 5.59 33.36 -11.52
C ASP B 109 6.59 33.62 -10.39
N ASP B 110 6.23 33.25 -9.16
CA ASP B 110 7.22 33.25 -8.08
C ASP B 110 8.41 32.36 -8.46
N PRO B 111 9.64 32.88 -8.34
CA PRO B 111 10.87 32.10 -8.56
C PRO B 111 11.06 30.85 -7.67
N PHE B 112 10.56 30.90 -6.44
CA PHE B 112 10.53 29.73 -5.57
C PHE B 112 9.59 28.66 -6.11
N TYR B 113 8.46 29.07 -6.64
CA TYR B 113 7.60 28.11 -7.28
C TYR B 113 8.37 27.40 -8.41
N LYS B 114 9.03 28.15 -9.27
CA LYS B 114 9.63 27.56 -10.49
C LYS B 114 10.76 26.61 -10.14
N LEU B 115 11.56 27.04 -9.17
CA LEU B 115 12.67 26.29 -8.70
C LEU B 115 12.21 24.93 -8.12
N ASN B 116 11.27 24.98 -7.19
CA ASN B 116 10.81 23.78 -6.52
C ASN B 116 10.14 22.83 -7.50
N ARG B 117 9.26 23.37 -8.33
CA ARG B 117 8.41 22.56 -9.17
C ARG B 117 9.20 21.72 -10.18
N ALA B 118 10.33 22.29 -10.62
CA ALA B 118 11.16 21.62 -11.58
C ALA B 118 11.70 20.29 -11.04
N PHE B 119 11.91 20.18 -9.73
CA PHE B 119 12.38 18.94 -9.12
C PHE B 119 11.34 17.83 -9.28
N GLY B 120 10.10 18.15 -8.96
CA GLY B 120 8.99 17.19 -9.15
C GLY B 120 8.73 16.76 -10.58
N GLN B 121 8.91 17.67 -11.52
CA GLN B 121 8.82 17.34 -12.96
C GLN B 121 9.84 16.29 -13.31
N MSE B 122 11.09 16.52 -12.93
CA MSE B 122 12.11 15.56 -13.27
C MSE B 122 11.85 14.19 -12.63
O MSE B 122 11.93 13.14 -13.27
CB MSE B 122 13.41 16.17 -12.84
CG MSE B 122 14.57 15.34 -13.32
SE MSE B 122 15.07 14.02 -11.94
CE MSE B 122 15.64 15.20 -10.45
N ILE B 123 11.51 14.20 -11.36
CA ILE B 123 11.28 12.95 -10.63
C ILE B 123 10.12 12.16 -11.24
N GLN B 124 9.05 12.85 -11.62
CA GLN B 124 7.88 12.21 -12.17
C GLN B 124 8.26 11.61 -13.51
N GLN B 125 9.02 12.36 -14.29
CA GLN B 125 9.56 11.89 -15.55
C GLN B 125 10.44 10.68 -15.39
N VAL B 126 11.32 10.64 -14.38
CA VAL B 126 12.12 9.43 -14.18
C VAL B 126 11.15 8.27 -13.84
N ASN B 127 10.17 8.55 -12.99
CA ASN B 127 9.24 7.49 -12.57
C ASN B 127 8.58 6.82 -13.78
N GLU B 128 8.17 7.62 -14.74
CA GLU B 128 7.44 7.11 -15.92
C GLU B 128 8.31 6.75 -17.15
N SER B 129 9.65 6.86 -17.02
CA SER B 129 10.57 6.49 -18.08
C SER B 129 10.29 5.07 -18.54
N SER B 130 10.46 4.82 -19.84
CA SER B 130 10.26 3.48 -20.44
C SER B 130 11.43 2.54 -20.19
N LYS B 131 12.49 3.07 -19.61
CA LYS B 131 13.63 2.27 -19.19
C LYS B 131 13.41 1.75 -17.78
N VAL B 132 14.05 0.64 -17.49
CA VAL B 132 14.19 0.14 -16.14
C VAL B 132 15.20 1.00 -15.42
N VAL B 133 14.81 1.60 -14.29
CA VAL B 133 15.65 2.54 -13.61
C VAL B 133 16.13 1.88 -12.33
N ILE B 134 17.45 1.78 -12.16
CA ILE B 134 18.01 1.20 -10.97
C ILE B 134 18.71 2.30 -10.19
N ALA B 135 18.42 2.42 -8.90
CA ALA B 135 19.12 3.39 -8.08
C ALA B 135 20.04 2.69 -7.10
N ILE B 136 21.27 3.18 -7.01
CA ILE B 136 22.27 2.68 -6.08
C ILE B 136 22.55 3.77 -5.07
N THR B 137 22.07 3.58 -3.85
CA THR B 137 22.03 4.68 -2.93
C THR B 137 23.00 4.43 -1.80
N GLU B 138 23.98 5.31 -1.68
CA GLU B 138 24.93 5.24 -0.58
C GLU B 138 24.98 6.52 0.16
N GLY B 139 25.48 6.45 1.37
CA GLY B 139 25.60 7.63 2.21
C GLY B 139 24.33 8.46 2.24
N ALA B 140 24.47 9.77 2.16
CA ALA B 140 23.35 10.66 2.33
C ALA B 140 22.38 10.52 1.15
N VAL B 141 21.11 10.32 1.48
CA VAL B 141 20.04 10.32 0.50
C VAL B 141 18.94 11.27 0.94
N MSE B 142 18.95 12.46 0.33
CA MSE B 142 18.05 13.57 0.71
C MSE B 142 17.47 14.27 -0.49
O MSE B 142 17.92 14.09 -1.61
CB MSE B 142 18.85 14.65 1.45
CG MSE B 142 19.90 14.12 2.41
SE MSE B 142 19.02 13.68 4.13
CE MSE B 142 20.23 12.27 4.80
N GLY B 143 16.46 15.10 -0.25
CA GLY B 143 15.90 15.96 -1.27
C GLY B 143 15.64 15.18 -2.54
N GLY B 144 16.11 15.73 -3.65
CA GLY B 144 15.91 15.13 -4.95
C GLY B 144 16.41 13.74 -5.03
N GLY B 145 17.46 13.43 -4.27
CA GLY B 145 18.02 12.10 -4.31
C GLY B 145 17.10 11.09 -3.68
N PHE B 146 16.50 11.45 -2.56
CA PHE B 146 15.51 10.62 -1.91
C PHE B 146 14.35 10.41 -2.91
N GLY B 147 13.98 11.49 -3.59
CA GLY B 147 12.86 11.42 -4.55
C GLY B 147 13.15 10.43 -5.68
N LEU B 148 14.33 10.54 -6.26
CA LEU B 148 14.80 9.56 -7.28
C LEU B 148 14.82 8.09 -6.82
N ALA B 149 15.24 7.86 -5.58
CA ALA B 149 15.21 6.51 -5.08
C ALA B 149 13.75 6.04 -5.01
N CYS B 150 12.87 6.96 -4.60
CA CYS B 150 11.46 6.62 -4.46
C CYS B 150 10.76 6.37 -5.79
N VAL B 151 11.49 6.47 -6.90
CA VAL B 151 10.88 6.41 -8.22
C VAL B 151 11.60 5.41 -9.13
N SER B 152 12.52 4.65 -8.56
CA SER B 152 13.26 3.61 -9.24
C SER B 152 12.51 2.27 -9.32
N ASP B 153 12.83 1.47 -10.35
CA ASP B 153 12.22 0.14 -10.49
C ASP B 153 12.92 -0.86 -9.60
N LEU B 154 14.20 -0.59 -9.35
CA LEU B 154 14.97 -1.31 -8.36
C LEU B 154 15.90 -0.34 -7.68
N ALA B 155 15.96 -0.42 -6.37
CA ALA B 155 16.81 0.40 -5.56
C ALA B 155 17.58 -0.49 -4.60
N ILE B 156 18.88 -0.30 -4.59
CA ILE B 156 19.76 -1.09 -3.77
C ILE B 156 20.54 -0.09 -2.96
N ALA B 157 20.50 -0.26 -1.65
CA ALA B 157 21.24 0.57 -0.73
C ALA B 157 22.56 -0.09 -0.32
N GLY B 158 23.59 0.74 -0.20
CA GLY B 158 24.81 0.30 0.46
C GLY B 158 24.62 0.44 1.94
N PRO B 159 25.50 -0.17 2.73
CA PRO B 159 25.31 -0.20 4.18
C PRO B 159 25.28 1.18 4.84
N THR B 160 25.86 2.21 4.22
CA THR B 160 25.89 3.52 4.88
C THR B 160 24.72 4.45 4.49
N ALA B 161 23.75 3.99 3.68
CA ALA B 161 22.66 4.86 3.22
C ALA B 161 21.83 5.35 4.40
N LYS B 162 21.60 6.66 4.41
CA LYS B 162 20.75 7.31 5.38
C LYS B 162 19.69 8.16 4.63
N PHE B 163 18.43 8.03 5.01
CA PHE B 163 17.32 8.66 4.30
C PHE B 163 16.63 9.59 5.27
N GLY B 164 16.54 10.87 4.94
CA GLY B 164 15.97 11.80 5.88
C GLY B 164 15.07 12.79 5.22
N MSE B 165 14.07 13.24 5.98
CA MSE B 165 13.24 14.40 5.62
C MSE B 165 13.40 15.47 6.69
O MSE B 165 12.51 15.65 7.51
CB MSE B 165 11.78 13.97 5.57
CG MSE B 165 11.51 12.75 4.66
SE MSE B 165 10.26 13.24 3.19
CE MSE B 165 11.75 14.04 2.19
N PRO B 166 14.52 16.21 6.71
CA PRO B 166 14.68 17.25 7.75
C PRO B 166 13.93 18.56 7.46
N GLU B 167 13.22 18.63 6.36
CA GLU B 167 12.66 19.89 5.91
C GLU B 167 11.82 20.67 6.92
N THR B 168 10.83 20.03 7.53
CA THR B 168 9.93 20.73 8.44
C THR B 168 10.62 21.28 9.67
N THR B 169 11.68 20.63 10.03
CA THR B 169 12.65 21.12 11.00
C THR B 169 13.27 22.49 10.70
N LEU B 170 13.32 22.89 9.44
CA LEU B 170 13.83 24.18 9.03
C LEU B 170 12.69 25.12 8.61
N GLY B 171 11.45 24.73 8.90
CA GLY B 171 10.29 25.52 8.47
C GLY B 171 10.03 25.41 6.99
N VAL B 172 10.48 24.33 6.39
CA VAL B 172 10.30 24.11 4.95
C VAL B 172 9.36 22.93 4.69
N ILE B 173 8.60 23.03 3.61
CA ILE B 173 7.66 22.02 3.17
C ILE B 173 8.44 21.09 2.24
N PRO B 174 8.47 19.79 2.51
CA PRO B 174 9.11 18.86 1.56
C PRO B 174 8.19 18.54 0.38
N ALA B 175 7.90 19.58 -0.39
CA ALA B 175 6.74 19.60 -1.24
C ALA B 175 6.84 18.65 -2.44
N GLN B 176 8.01 18.61 -3.07
CA GLN B 176 8.19 17.76 -4.22
C GLN B 176 8.70 16.35 -3.86
N ILE B 177 9.06 16.09 -2.60
CA ILE B 177 9.61 14.78 -2.20
C ILE B 177 8.61 13.90 -1.43
N ALA B 178 7.97 14.47 -0.43
CA ALA B 178 7.08 13.66 0.39
C ALA B 178 5.99 12.91 -0.42
N PRO B 179 5.37 13.56 -1.42
CA PRO B 179 4.39 12.81 -2.21
C PRO B 179 4.96 11.54 -2.79
N PHE B 180 6.21 11.55 -3.28
CA PHE B 180 6.79 10.32 -3.83
C PHE B 180 7.11 9.32 -2.73
N VAL B 181 7.38 9.80 -1.53
CA VAL B 181 7.57 8.92 -0.38
C VAL B 181 6.28 8.18 -0.10
N VAL B 182 5.14 8.86 -0.26
CA VAL B 182 3.85 8.27 0.06
C VAL B 182 3.53 7.22 -0.99
N GLU B 183 3.79 7.55 -2.24
CA GLU B 183 3.58 6.59 -3.30
C GLU B 183 4.50 5.42 -3.11
N ARG B 184 5.69 5.65 -2.61
CA ARG B 184 6.69 4.58 -2.55
C ARG B 184 6.39 3.62 -1.42
N ILE B 185 6.07 4.14 -0.23
CA ILE B 185 5.90 3.23 0.95
C ILE B 185 4.53 3.23 1.59
N GLY B 186 3.58 4.04 1.10
CA GLY B 186 2.24 4.17 1.72
C GLY B 186 2.17 5.32 2.72
N LEU B 187 0.97 5.85 2.86
CA LEU B 187 0.68 6.94 3.75
C LEU B 187 1.00 6.64 5.21
N THR B 188 0.68 5.44 5.66
CA THR B 188 0.96 5.09 7.02
C THR B 188 2.47 5.26 7.39
N GLN B 189 3.34 4.67 6.62
CA GLN B 189 4.76 4.76 6.94
C GLN B 189 5.34 6.14 6.58
N ALA B 190 4.86 6.77 5.49
CA ALA B 190 5.29 8.12 5.13
C ALA B 190 4.90 9.21 6.13
N ARG B 191 3.71 9.14 6.75
CA ARG B 191 3.34 10.23 7.67
C ARG B 191 4.30 10.29 8.83
N ARG B 192 4.77 9.13 9.26
CA ARG B 192 5.70 9.09 10.35
C ARG B 192 7.08 9.66 9.94
N LEU B 193 7.63 9.22 8.79
CA LEU B 193 8.94 9.71 8.39
C LEU B 193 8.94 11.17 8.17
N ALA B 194 7.91 11.65 7.51
CA ALA B 194 7.85 13.03 7.06
C ALA B 194 7.50 13.99 8.22
N LEU B 195 6.48 13.65 9.01
CA LEU B 195 5.96 14.57 10.02
C LEU B 195 6.80 14.62 11.27
N LEU B 196 7.54 13.56 11.57
CA LEU B 196 8.57 13.66 12.61
C LEU B 196 10.00 13.98 12.08
N GLY B 197 10.14 14.27 10.79
CA GLY B 197 11.44 14.53 10.17
C GLY B 197 12.56 13.60 10.59
N LEU B 198 12.34 12.30 10.40
CA LEU B 198 13.29 11.29 10.83
C LEU B 198 14.32 11.02 9.77
N ARG B 199 15.40 10.42 10.23
CA ARG B 199 16.48 10.05 9.38
C ARG B 199 16.65 8.60 9.70
N ILE B 200 16.54 7.72 8.71
CA ILE B 200 16.65 6.28 8.96
C ILE B 200 17.78 5.63 8.19
N ASP B 201 18.24 4.50 8.71
CA ASP B 201 19.32 3.73 8.10
C ASP B 201 18.82 2.75 7.03
N ALA B 202 19.73 1.98 6.44
CA ALA B 202 19.41 1.23 5.23
C ALA B 202 18.44 0.11 5.50
N THR B 203 18.67 -0.60 6.60
CA THR B 203 17.84 -1.69 7.04
C THR B 203 16.40 -1.28 7.24
N GLU B 204 16.19 -0.13 7.87
CA GLU B 204 14.85 0.36 8.04
C GLU B 204 14.28 0.84 6.69
N ALA B 205 15.12 1.39 5.83
CA ALA B 205 14.65 1.82 4.52
C ALA B 205 14.20 0.65 3.68
N CYS B 206 14.90 -0.47 3.81
CA CYS B 206 14.51 -1.69 3.10
C CYS B 206 13.21 -2.29 3.67
N LYS B 207 13.15 -2.42 4.98
CA LYS B 207 11.95 -2.92 5.64
C LYS B 207 10.70 -2.13 5.25
N LEU B 208 10.81 -0.81 5.06
CA LEU B 208 9.68 0.03 4.64
C LEU B 208 9.40 0.04 3.14
N GLY B 209 10.36 -0.41 2.32
CA GLY B 209 10.20 -0.42 0.89
C GLY B 209 10.68 0.84 0.21
N ILE B 210 11.47 1.69 0.87
CA ILE B 210 12.15 2.77 0.14
C ILE B 210 13.11 2.14 -0.86
N VAL B 211 13.91 1.18 -0.38
CA VAL B 211 14.79 0.38 -1.25
C VAL B 211 14.36 -1.10 -1.19
N HIS B 212 14.76 -1.86 -2.20
CA HIS B 212 14.33 -3.23 -2.35
C HIS B 212 15.26 -4.21 -1.69
N GLN B 213 16.55 -3.85 -1.64
CA GLN B 213 17.65 -4.71 -1.12
C GLN B 213 18.70 -3.82 -0.48
N VAL B 214 19.49 -4.40 0.39
CA VAL B 214 20.59 -3.72 1.07
C VAL B 214 21.85 -4.57 0.87
N ALA B 215 22.91 -3.98 0.36
CA ALA B 215 24.20 -4.67 0.33
C ALA B 215 24.92 -4.41 1.66
N GLU B 216 25.78 -5.35 2.06
CA GLU B 216 26.59 -5.26 3.27
C GLU B 216 28.05 -4.98 2.95
N SER B 217 28.44 -5.02 1.68
CA SER B 217 29.77 -4.63 1.23
C SER B 217 29.70 -4.02 -0.17
N GLU B 218 30.70 -3.23 -0.57
CA GLU B 218 30.80 -2.75 -1.95
C GLU B 218 30.75 -3.93 -2.91
N GLU B 219 31.39 -5.05 -2.58
CA GLU B 219 31.36 -6.19 -3.48
C GLU B 219 29.93 -6.70 -3.71
N GLN B 220 29.18 -6.83 -2.61
CA GLN B 220 27.82 -7.38 -2.64
C GLN B 220 26.97 -6.40 -3.46
N LEU B 221 27.30 -5.12 -3.36
CA LEU B 221 26.59 -4.08 -4.12
C LEU B 221 26.80 -4.23 -5.61
N SER B 222 28.03 -4.54 -6.03
CA SER B 222 28.32 -4.80 -7.44
C SER B 222 27.60 -6.00 -7.98
N ASP B 223 27.67 -7.09 -7.22
CA ASP B 223 27.04 -8.35 -7.63
C ASP B 223 25.53 -8.19 -7.81
N MSE B 224 24.88 -7.49 -6.89
CA MSE B 224 23.40 -7.32 -6.95
C MSE B 224 23.09 -6.49 -8.16
O MSE B 224 22.19 -6.80 -8.92
CB MSE B 224 22.84 -6.66 -5.70
CG MSE B 224 22.85 -7.57 -4.48
SE MSE B 224 22.55 -6.48 -2.83
CE MSE B 224 22.05 -7.94 -1.57
N LEU B 225 23.88 -5.45 -8.38
CA LEU B 225 23.71 -4.61 -9.57
C LEU B 225 23.86 -5.45 -10.81
N ASN B 226 24.90 -6.29 -10.86
CA ASN B 226 25.14 -7.14 -12.06
C ASN B 226 24.06 -8.19 -12.30
N GLN B 227 23.53 -8.76 -11.24
CA GLN B 227 22.39 -9.67 -11.34
C GLN B 227 21.16 -8.99 -11.90
N ALA B 228 20.93 -7.77 -11.44
CA ALA B 228 19.79 -7.00 -11.95
C ALA B 228 19.97 -6.68 -13.44
N LEU B 229 21.17 -6.27 -13.83
CA LEU B 229 21.41 -5.95 -15.25
C LEU B 229 21.31 -7.18 -16.15
N GLU B 230 21.66 -8.34 -15.62
CA GLU B 230 21.46 -9.59 -16.32
C GLU B 230 19.97 -9.86 -16.55
N ARG B 231 19.16 -9.55 -15.56
CA ARG B 231 17.72 -9.71 -15.71
C ARG B 231 17.20 -8.75 -16.77
N VAL B 232 17.72 -7.53 -16.80
CA VAL B 232 17.37 -6.57 -17.84
C VAL B 232 17.74 -7.06 -19.25
N ARG B 233 18.90 -7.70 -19.39
CA ARG B 233 19.31 -8.25 -20.71
C ARG B 233 18.29 -9.28 -21.22
N LEU B 234 17.79 -10.13 -20.31
CA LEU B 234 16.88 -11.20 -20.71
C LEU B 234 15.46 -10.74 -21.03
N CYS B 235 15.11 -9.51 -20.65
CA CYS B 235 13.73 -9.04 -20.75
C CYS B 235 13.58 -8.24 -22.00
N ALA B 236 12.52 -8.46 -22.74
CA ALA B 236 12.35 -7.81 -24.03
C ALA B 236 12.00 -6.35 -23.85
N PRO B 237 12.67 -5.44 -24.59
CA PRO B 237 12.54 -3.99 -24.39
C PRO B 237 11.15 -3.38 -24.58
N ASP B 238 10.51 -3.64 -25.71
CA ASP B 238 9.17 -3.09 -25.92
C ASP B 238 8.15 -3.68 -24.91
N ALA B 239 8.26 -4.95 -24.58
CA ALA B 239 7.32 -5.56 -23.66
C ALA B 239 7.50 -4.99 -22.24
N THR B 240 8.75 -4.75 -21.87
CA THR B 240 9.12 -4.17 -20.58
C THR B 240 8.52 -2.76 -20.47
N ALA B 241 8.71 -1.96 -21.50
CA ALA B 241 8.16 -0.61 -21.54
C ALA B 241 6.61 -0.53 -21.52
N GLU B 242 5.97 -1.43 -22.24
CA GLU B 242 4.51 -1.48 -22.24
C GLU B 242 4.00 -1.92 -20.90
N THR B 243 4.68 -2.89 -20.31
CA THR B 243 4.25 -3.39 -19.04
C THR B 243 4.39 -2.30 -17.97
N LYS B 244 5.54 -1.62 -17.97
CA LYS B 244 5.78 -0.54 -17.05
C LYS B 244 4.66 0.50 -17.06
N ALA B 245 4.24 0.88 -18.27
CA ALA B 245 3.23 1.93 -18.42
C ALA B 245 1.89 1.49 -17.84
N LEU B 246 1.56 0.22 -18.02
CA LEU B 246 0.37 -0.31 -17.38
C LEU B 246 0.50 -0.36 -15.84
N LEU B 247 1.66 -0.68 -15.31
CA LEU B 247 1.79 -0.76 -13.88
C LEU B 247 1.42 0.59 -13.25
N HIS B 248 1.84 1.67 -13.90
CA HIS B 248 1.58 3.02 -13.41
C HIS B 248 0.12 3.39 -13.45
N ARG B 249 -0.69 2.73 -14.28
CA ARG B 249 -2.11 3.09 -14.40
C ARG B 249 -2.99 2.44 -13.35
N VAL B 250 -2.44 1.43 -12.69
CA VAL B 250 -3.23 0.67 -11.77
C VAL B 250 -3.60 1.56 -10.58
N GLY B 251 -4.86 1.49 -10.18
CA GLY B 251 -5.37 2.26 -9.08
C GLY B 251 -5.72 3.70 -9.42
N HIS B 252 -5.56 4.12 -10.68
CA HIS B 252 -5.93 5.46 -11.07
C HIS B 252 -7.03 5.46 -12.11
N GLU B 253 -7.65 4.31 -12.34
CA GLU B 253 -8.76 4.19 -13.27
C GLU B 253 -9.48 2.89 -12.99
N ALA B 254 -10.66 2.72 -13.54
CA ALA B 254 -11.37 1.50 -13.29
C ALA B 254 -10.56 0.31 -13.83
N MSE B 255 -10.43 -0.72 -13.00
CA MSE B 255 -9.75 -1.93 -13.35
C MSE B 255 -10.26 -2.59 -14.63
O MSE B 255 -9.46 -3.05 -15.44
CB MSE B 255 -9.87 -2.86 -12.15
CG MSE B 255 -9.12 -4.18 -12.34
SE MSE B 255 -7.16 -3.88 -12.58
CE MSE B 255 -6.54 -4.68 -10.89
N ALA B 256 -11.57 -2.62 -14.86
CA ALA B 256 -12.14 -3.34 -16.01
C ALA B 256 -11.66 -2.73 -17.33
N GLY B 257 -11.66 -1.42 -17.39
CA GLY B 257 -11.16 -0.72 -18.58
C GLY B 257 -9.65 -0.80 -18.74
N LEU B 258 -8.93 -0.86 -17.63
CA LEU B 258 -7.49 -1.05 -17.68
C LEU B 258 -7.20 -2.41 -18.32
N LEU B 259 -7.92 -3.45 -17.88
CA LEU B 259 -7.70 -4.80 -18.40
C LEU B 259 -8.06 -4.91 -19.88
N ASP B 260 -9.05 -4.14 -20.32
CA ASP B 260 -9.39 -4.02 -21.73
C ASP B 260 -8.21 -3.47 -22.52
N ASP B 261 -7.68 -2.32 -22.08
CA ASP B 261 -6.53 -1.73 -22.74
C ASP B 261 -5.36 -2.68 -22.64
N ALA B 262 -5.19 -3.32 -21.49
CA ALA B 262 -4.07 -4.21 -21.34
C ALA B 262 -4.15 -5.40 -22.32
N ALA B 263 -5.36 -5.87 -22.61
CA ALA B 263 -5.52 -7.01 -23.50
C ALA B 263 -5.22 -6.62 -24.95
N GLU B 264 -5.54 -5.39 -25.33
CA GLU B 264 -5.11 -4.86 -26.63
C GLU B 264 -3.60 -4.77 -26.73
N LYS B 265 -2.93 -4.31 -25.68
CA LYS B 265 -1.47 -4.28 -25.69
C LYS B 265 -0.91 -5.69 -25.83
N PHE B 266 -1.51 -6.64 -25.13
CA PHE B 266 -1.14 -8.05 -25.26
C PHE B 266 -1.21 -8.56 -26.72
N ALA B 267 -2.31 -8.22 -27.38
CA ALA B 267 -2.59 -8.66 -28.75
C ALA B 267 -1.55 -8.07 -29.70
N ALA B 268 -1.38 -6.75 -29.65
CA ALA B 268 -0.36 -6.05 -30.43
C ALA B 268 1.05 -6.62 -30.24
N ALA B 269 1.43 -6.93 -28.99
CA ALA B 269 2.77 -7.46 -28.73
C ALA B 269 2.96 -8.84 -29.34
N ILE B 270 1.92 -9.66 -29.26
CA ILE B 270 1.94 -10.98 -29.87
C ILE B 270 2.10 -10.90 -31.39
N ARG B 271 1.39 -9.97 -32.04
CA ARG B 271 1.51 -9.80 -33.50
C ARG B 271 2.96 -9.44 -33.84
N GLY B 272 3.47 -8.42 -33.15
CA GLY B 272 4.76 -7.81 -33.44
C GLY B 272 6.05 -8.62 -33.30
N PRO B 273 7.18 -7.98 -33.69
CA PRO B 273 8.55 -8.57 -33.79
C PRO B 273 9.02 -9.38 -32.59
N GLU B 274 8.82 -8.83 -31.39
CA GLU B 274 9.35 -9.42 -30.16
C GLU B 274 8.63 -10.68 -29.79
N GLY B 275 7.32 -10.68 -29.93
CA GLY B 275 6.54 -11.88 -29.67
C GLY B 275 6.96 -13.02 -30.58
N ALA B 276 6.94 -12.76 -31.87
CA ALA B 276 7.43 -13.75 -32.84
C ALA B 276 8.78 -14.28 -32.34
N GLU B 277 9.74 -13.35 -32.17
CA GLU B 277 11.10 -13.72 -31.79
C GLU B 277 11.12 -14.49 -30.47
N GLY B 278 10.32 -14.05 -29.52
CA GLY B 278 10.32 -14.68 -28.19
C GLY B 278 9.82 -16.13 -28.18
N THR B 279 8.84 -16.43 -29.01
CA THR B 279 8.25 -17.77 -29.04
C THR B 279 9.27 -18.78 -29.60
N MSE B 280 9.88 -18.38 -30.73
CA MSE B 280 10.96 -19.15 -31.33
C MSE B 280 12.10 -19.43 -30.38
O MSE B 280 12.62 -20.55 -30.34
CB MSE B 280 11.50 -18.35 -32.53
CG MSE B 280 12.31 -19.28 -33.43
SE MSE B 280 11.16 -20.69 -34.21
CE MSE B 280 11.63 -22.27 -33.15
N ALA B 281 12.53 -18.44 -29.63
CA ALA B 281 13.66 -18.63 -28.73
C ALA B 281 13.36 -19.74 -27.72
N PHE B 282 12.16 -19.70 -27.14
CA PHE B 282 11.70 -20.70 -26.17
C PHE B 282 11.57 -22.08 -26.84
N MSE B 283 10.98 -22.12 -28.03
CA MSE B 283 10.90 -23.36 -28.82
C MSE B 283 12.26 -23.99 -29.06
O MSE B 283 12.42 -25.19 -28.87
CB MSE B 283 10.26 -23.10 -30.17
CG MSE B 283 8.74 -23.04 -30.09
SE MSE B 283 8.04 -22.43 -31.84
CE MSE B 283 6.14 -22.26 -31.35
N GLN B 284 13.24 -23.18 -29.45
CA GLN B 284 14.59 -23.68 -29.73
C GLN B 284 15.55 -23.69 -28.53
N LYS B 285 15.00 -23.69 -27.31
CA LYS B 285 15.80 -23.63 -26.06
C LYS B 285 17.04 -22.72 -26.19
N ARG B 286 16.86 -21.55 -26.78
CA ARG B 286 17.95 -20.60 -27.02
C ARG B 286 17.58 -19.19 -26.57
N GLU B 287 18.57 -18.34 -26.39
CA GLU B 287 18.31 -16.98 -25.95
C GLU B 287 17.68 -16.21 -27.09
N PRO B 288 16.75 -15.30 -26.77
CA PRO B 288 16.21 -14.45 -27.79
C PRO B 288 17.22 -13.41 -28.22
N LYS B 289 16.92 -12.74 -29.32
CA LYS B 289 17.84 -11.81 -29.92
C LYS B 289 18.18 -10.61 -29.01
N TRP B 290 17.21 -10.11 -28.24
CA TRP B 290 17.45 -8.95 -27.37
C TRP B 290 18.39 -9.33 -26.22
N ALA B 291 18.50 -10.62 -25.93
CA ALA B 291 19.45 -11.08 -24.93
C ALA B 291 20.90 -11.09 -25.44
N GLU B 292 21.11 -11.00 -26.76
CA GLU B 292 22.43 -11.19 -27.39
C GLU B 292 23.63 -10.61 -26.63
N CYS C 29 -17.50 -31.08 -14.16
CA CYS C 29 -16.37 -30.17 -14.57
C CYS C 29 -15.18 -30.96 -15.14
N GLU C 30 -14.69 -30.52 -16.30
CA GLU C 30 -13.58 -31.18 -16.99
C GLU C 30 -12.19 -30.95 -16.38
N THR C 31 -11.93 -29.72 -15.90
CA THR C 31 -10.60 -29.31 -15.40
C THR C 31 -10.51 -29.26 -13.85
N LEU C 32 -11.68 -29.27 -13.20
CA LEU C 32 -11.79 -29.05 -11.77
C LEU C 32 -12.49 -30.24 -11.10
N ILE C 33 -11.94 -30.70 -9.98
CA ILE C 33 -12.63 -31.58 -9.04
C ILE C 33 -13.26 -30.72 -7.94
N LEU C 34 -14.58 -30.75 -7.82
CA LEU C 34 -15.31 -30.01 -6.80
C LEU C 34 -15.72 -30.90 -5.62
N GLU C 35 -15.52 -30.42 -4.40
CA GLU C 35 -15.87 -31.20 -3.22
C GLU C 35 -16.49 -30.31 -2.16
N LYS C 36 -17.60 -30.71 -1.57
CA LYS C 36 -18.29 -29.91 -0.58
C LYS C 36 -18.03 -30.47 0.80
N GLN C 37 -17.69 -29.61 1.75
CA GLN C 37 -17.53 -30.05 3.14
C GLN C 37 -17.94 -28.93 4.07
N GLY C 38 -19.08 -29.12 4.72
CA GLY C 38 -19.72 -28.04 5.45
C GLY C 38 -20.14 -26.96 4.46
N PRO C 39 -19.98 -25.70 4.87
CA PRO C 39 -20.25 -24.62 3.95
C PRO C 39 -19.02 -24.21 3.10
N THR C 40 -18.06 -25.12 2.99
CA THR C 40 -16.82 -24.87 2.28
C THR C 40 -16.80 -25.64 0.96
N LEU C 41 -16.74 -24.94 -0.17
CA LEU C 41 -16.48 -25.64 -1.44
C LEU C 41 -14.98 -25.74 -1.73
N VAL C 42 -14.42 -26.94 -1.66
CA VAL C 42 -13.06 -27.18 -2.06
C VAL C 42 -13.00 -27.41 -3.57
N ILE C 43 -12.42 -26.44 -4.27
CA ILE C 43 -12.14 -26.50 -5.69
C ILE C 43 -10.70 -26.89 -5.97
N THR C 44 -10.49 -28.09 -6.50
CA THR C 44 -9.15 -28.59 -6.83
C THR C 44 -8.86 -28.49 -8.34
N ILE C 45 -7.78 -27.81 -8.68
CA ILE C 45 -7.41 -27.62 -10.07
C ILE C 45 -6.83 -28.96 -10.50
N ASN C 46 -7.38 -29.54 -11.58
CA ASN C 46 -7.06 -30.92 -11.95
C ASN C 46 -6.53 -31.17 -13.38
N ARG C 47 -5.31 -30.75 -13.64
CA ARG C 47 -4.54 -31.15 -14.78
C ARG C 47 -3.10 -31.44 -14.39
N PRO C 48 -2.86 -32.32 -13.38
CA PRO C 48 -1.49 -32.62 -12.90
C PRO C 48 -0.55 -33.08 -14.00
N ASP C 49 -1.10 -33.78 -14.99
CA ASP C 49 -0.44 -34.06 -16.27
C ASP C 49 0.39 -32.88 -16.83
N VAL C 50 -0.17 -31.66 -16.84
CA VAL C 50 0.56 -30.47 -17.36
C VAL C 50 0.85 -29.42 -16.27
N ARG C 51 1.14 -29.90 -15.06
CA ARG C 51 1.22 -29.08 -13.84
C ARG C 51 0.19 -27.94 -13.78
N ASN C 52 -1.06 -28.26 -14.09
CA ASN C 52 -2.19 -27.36 -13.92
C ASN C 52 -2.12 -26.09 -14.75
N ALA C 53 -1.50 -26.18 -15.92
CA ALA C 53 -1.52 -25.09 -16.87
C ALA C 53 -2.97 -24.64 -17.06
N MSE C 54 -3.21 -23.33 -17.07
CA MSE C 54 -4.58 -22.83 -17.05
C MSE C 54 -5.04 -22.59 -18.44
O MSE C 54 -4.55 -21.71 -19.11
CB MSE C 54 -4.70 -21.53 -16.28
CG MSE C 54 -6.14 -21.03 -16.21
SE MSE C 54 -6.40 -19.67 -14.76
CE MSE C 54 -5.60 -20.68 -13.26
N SER C 55 -6.02 -23.38 -18.85
CA SER C 55 -6.62 -23.27 -20.17
C SER C 55 -7.80 -22.32 -20.20
N LEU C 56 -8.17 -21.88 -21.39
CA LEU C 56 -9.36 -21.08 -21.55
C LEU C 56 -10.60 -21.84 -21.03
N GLN C 57 -10.55 -23.16 -21.12
CA GLN C 57 -11.65 -23.99 -20.64
C GLN C 57 -11.72 -23.92 -19.11
N MSE C 58 -10.55 -23.99 -18.46
CA MSE C 58 -10.48 -23.84 -17.02
C MSE C 58 -11.00 -22.50 -16.61
O MSE C 58 -11.80 -22.39 -15.69
CB MSE C 58 -9.07 -24.04 -16.52
CG MSE C 58 -9.05 -24.08 -15.00
SE MSE C 58 -7.20 -24.32 -14.36
CE MSE C 58 -6.73 -26.13 -15.00
N VAL C 59 -10.60 -21.45 -17.32
CA VAL C 59 -11.09 -20.14 -16.99
C VAL C 59 -12.63 -20.10 -17.01
N ALA C 60 -13.21 -20.82 -17.96
CA ALA C 60 -14.65 -20.76 -18.17
C ALA C 60 -15.39 -21.53 -17.08
N GLU C 61 -14.84 -22.66 -16.67
CA GLU C 61 -15.40 -23.44 -15.60
C GLU C 61 -15.25 -22.73 -14.27
N LEU C 62 -14.13 -22.02 -14.05
CA LEU C 62 -13.94 -21.27 -12.76
C LEU C 62 -14.93 -20.16 -12.66
N SER C 63 -15.11 -19.47 -13.77
CA SER C 63 -16.08 -18.40 -13.82
C SER C 63 -17.53 -18.85 -13.64
N THR C 64 -17.83 -20.06 -14.10
CA THR C 64 -19.14 -20.66 -13.98
C THR C 64 -19.42 -21.03 -12.51
N ILE C 65 -18.53 -21.78 -11.90
CA ILE C 65 -18.63 -22.11 -10.47
C ILE C 65 -18.83 -20.89 -9.54
N PHE C 66 -18.03 -19.86 -9.74
CA PHE C 66 -18.14 -18.65 -8.91
C PHE C 66 -19.41 -17.88 -9.22
N SER C 67 -19.92 -17.93 -10.43
CA SER C 67 -21.24 -17.31 -10.72
C SER C 67 -22.37 -18.03 -9.97
N GLU C 68 -22.33 -19.36 -9.97
CA GLU C 68 -23.37 -20.21 -9.36
C GLU C 68 -23.41 -20.15 -7.84
N ILE C 69 -22.26 -20.25 -7.19
CA ILE C 69 -22.24 -20.13 -5.74
C ILE C 69 -22.52 -18.72 -5.23
N GLU C 70 -22.50 -17.71 -6.09
CA GLU C 70 -22.63 -16.31 -5.64
C GLU C 70 -23.88 -16.05 -4.79
N ASN C 71 -24.93 -16.84 -5.04
CA ASN C 71 -26.20 -16.73 -4.31
C ASN C 71 -26.47 -17.93 -3.39
N ASP C 72 -26.04 -19.14 -3.79
CA ASP C 72 -26.16 -20.31 -2.92
C ASP C 72 -25.64 -20.00 -1.51
N ILE C 73 -26.58 -19.91 -0.57
CA ILE C 73 -26.31 -19.39 0.75
C ILE C 73 -25.65 -20.48 1.63
N SER C 74 -25.66 -21.73 1.18
CA SER C 74 -25.00 -22.81 1.93
C SER C 74 -23.47 -22.84 1.75
N ILE C 75 -22.95 -22.09 0.79
CA ILE C 75 -21.49 -22.02 0.61
C ILE C 75 -20.96 -20.75 1.26
N ARG C 76 -20.02 -20.87 2.19
CA ARG C 76 -19.48 -19.66 2.85
C ARG C 76 -18.10 -19.32 2.32
N ALA C 77 -17.32 -20.37 2.03
CA ALA C 77 -15.95 -20.26 1.56
C ALA C 77 -15.65 -21.17 0.34
N ALA C 78 -14.75 -20.69 -0.52
CA ALA C 78 -14.20 -21.45 -1.61
C ALA C 78 -12.69 -21.55 -1.42
N VAL C 79 -12.20 -22.77 -1.45
CA VAL C 79 -10.81 -23.06 -1.34
C VAL C 79 -10.28 -23.50 -2.70
N LEU C 80 -9.22 -22.83 -3.16
CA LEU C 80 -8.54 -23.14 -4.39
C LEU C 80 -7.23 -23.82 -4.09
N ARG C 81 -7.05 -24.98 -4.66
CA ARG C 81 -5.89 -25.82 -4.39
C ARG C 81 -5.56 -26.46 -5.74
N GLY C 82 -4.32 -26.87 -5.92
CA GLY C 82 -3.93 -27.60 -7.11
C GLY C 82 -3.63 -29.07 -6.78
N ALA C 83 -3.91 -29.97 -7.71
CA ALA C 83 -3.55 -31.38 -7.54
C ALA C 83 -2.09 -31.60 -7.90
N GLY C 84 -1.47 -32.54 -7.21
CA GLY C 84 -0.15 -33.01 -7.56
C GLY C 84 1.00 -32.06 -7.27
N GLY C 85 0.83 -31.21 -6.25
CA GLY C 85 1.92 -30.35 -5.75
C GLY C 85 2.26 -29.07 -6.52
N HIS C 86 1.40 -28.62 -7.43
CA HIS C 86 1.62 -27.41 -8.24
C HIS C 86 0.31 -26.65 -8.38
N PHE C 87 0.34 -25.32 -8.28
CA PHE C 87 -0.87 -24.52 -8.37
C PHE C 87 -1.25 -24.16 -9.82
N CYS C 88 -0.31 -23.63 -10.58
CA CYS C 88 -0.52 -23.32 -12.01
C CYS C 88 0.82 -23.00 -12.64
N ALA C 89 1.15 -23.71 -13.71
CA ALA C 89 2.47 -23.64 -14.31
C ALA C 89 2.50 -22.58 -15.39
N GLY C 90 1.35 -21.99 -15.67
CA GLY C 90 1.28 -20.95 -16.73
C GLY C 90 0.07 -21.11 -17.60
N GLY C 91 0.09 -20.43 -18.74
CA GLY C 91 -0.94 -20.60 -19.76
C GLY C 91 -0.83 -21.94 -20.52
N ASP C 92 -1.80 -22.21 -21.40
CA ASP C 92 -1.82 -23.41 -22.22
C ASP C 92 -1.42 -22.99 -23.60
N ILE C 93 -0.34 -23.57 -24.11
CA ILE C 93 0.04 -23.40 -25.52
C ILE C 93 -1.09 -23.70 -26.49
N LYS C 94 -1.96 -24.67 -26.17
CA LYS C 94 -2.97 -25.09 -27.14
C LYS C 94 -3.87 -23.90 -27.45
N ASP C 95 -4.23 -23.15 -26.41
CA ASP C 95 -5.12 -22.01 -26.59
C ASP C 95 -4.43 -20.97 -27.45
N MSE C 96 -3.13 -20.78 -27.25
CA MSE C 96 -2.38 -19.79 -28.02
C MSE C 96 -2.32 -20.21 -29.47
O MSE C 96 -2.50 -19.38 -30.38
CB MSE C 96 -0.95 -19.65 -27.46
CG MSE C 96 -0.81 -18.64 -26.31
SE MSE C 96 -1.30 -16.77 -26.81
CE MSE C 96 -0.12 -16.47 -28.36
N ALA C 97 -2.11 -21.49 -29.73
CA ALA C 97 -2.00 -22.00 -31.11
C ALA C 97 -3.33 -21.84 -31.81
N GLY C 98 -4.37 -22.33 -31.16
CA GLY C 98 -5.73 -22.08 -31.58
C GLY C 98 -5.97 -20.65 -31.99
N ALA C 99 -5.52 -19.70 -31.17
CA ALA C 99 -5.74 -18.27 -31.49
C ALA C 99 -4.97 -17.77 -32.74
N ARG C 100 -3.76 -18.25 -32.97
CA ARG C 100 -3.03 -17.89 -34.22
C ARG C 100 -3.76 -18.39 -35.44
N SER C 101 -4.35 -19.58 -35.34
CA SER C 101 -5.11 -20.21 -36.44
C SER C 101 -6.34 -19.47 -36.84
N GLN C 102 -6.95 -18.71 -35.93
CA GLN C 102 -8.24 -18.10 -36.23
C GLN C 102 -8.08 -16.88 -37.11
N LYS C 103 -9.17 -16.37 -37.65
CA LYS C 103 -9.11 -15.19 -38.48
C LYS C 103 -8.58 -14.04 -37.63
N ALA C 104 -7.46 -13.45 -38.04
CA ALA C 104 -6.97 -12.24 -37.38
C ALA C 104 -8.03 -11.15 -37.48
N GLY C 105 -8.10 -10.31 -36.47
CA GLY C 105 -9.04 -9.19 -36.45
C GLY C 105 -8.39 -8.03 -35.71
N GLU C 106 -9.15 -6.95 -35.54
CA GLU C 106 -8.62 -5.74 -34.89
C GLU C 106 -9.27 -5.54 -33.53
N GLY C 107 -8.49 -5.02 -32.60
CA GLY C 107 -8.99 -4.66 -31.27
C GLY C 107 -9.79 -5.76 -30.61
N ARG C 108 -11.07 -5.50 -30.35
CA ARG C 108 -11.91 -6.40 -29.57
C ARG C 108 -12.10 -7.72 -30.28
N ASP C 109 -11.89 -7.72 -31.59
CA ASP C 109 -12.13 -8.91 -32.41
C ASP C 109 -10.90 -9.77 -32.60
N ASP C 110 -9.73 -9.23 -32.28
CA ASP C 110 -8.54 -10.03 -32.26
C ASP C 110 -8.75 -11.23 -31.31
N PRO C 111 -8.55 -12.47 -31.80
CA PRO C 111 -8.60 -13.65 -30.94
C PRO C 111 -7.60 -13.68 -29.77
N PHE C 112 -6.44 -13.05 -29.96
CA PHE C 112 -5.50 -12.86 -28.83
C PHE C 112 -6.09 -11.95 -27.76
N TYR C 113 -6.78 -10.89 -28.17
CA TYR C 113 -7.53 -10.07 -27.23
C TYR C 113 -8.50 -10.92 -26.40
N LYS C 114 -9.34 -11.70 -27.09
CA LYS C 114 -10.38 -12.47 -26.44
C LYS C 114 -9.80 -13.48 -25.48
N LEU C 115 -8.77 -14.14 -25.93
CA LEU C 115 -8.13 -15.13 -25.11
C LEU C 115 -7.58 -14.50 -23.80
N ASN C 116 -6.85 -13.40 -23.94
CA ASN C 116 -6.23 -12.75 -22.83
C ASN C 116 -7.26 -12.19 -21.85
N ARG C 117 -8.23 -11.45 -22.37
CA ARG C 117 -9.17 -10.68 -21.57
C ARG C 117 -9.97 -11.51 -20.62
N ALA C 118 -10.31 -12.71 -21.07
CA ALA C 118 -11.14 -13.59 -20.25
C ALA C 118 -10.47 -13.97 -18.93
N PHE C 119 -9.13 -14.03 -18.92
CA PHE C 119 -8.40 -14.33 -17.70
C PHE C 119 -8.63 -13.24 -16.65
N GLY C 120 -8.49 -11.99 -17.06
CA GLY C 120 -8.74 -10.87 -16.17
C GLY C 120 -10.18 -10.80 -15.70
N GLN C 121 -11.10 -11.18 -16.58
CA GLN C 121 -12.52 -11.22 -16.26
C GLN C 121 -12.74 -12.13 -15.11
N MSE C 122 -12.22 -13.33 -15.25
CA MSE C 122 -12.40 -14.30 -14.21
C MSE C 122 -11.71 -13.92 -12.94
O MSE C 122 -12.25 -14.14 -11.87
CB MSE C 122 -11.90 -15.58 -14.79
CG MSE C 122 -12.22 -16.71 -13.85
SE MSE C 122 -10.63 -17.02 -12.71
CE MSE C 122 -9.21 -17.57 -13.96
N ILE C 123 -10.51 -13.32 -13.02
CA ILE C 123 -9.78 -12.96 -11.80
C ILE C 123 -10.49 -11.86 -11.03
N GLN C 124 -11.01 -10.88 -11.75
CA GLN C 124 -11.72 -9.80 -11.14
C GLN C 124 -12.96 -10.36 -10.44
N GLN C 125 -13.61 -11.31 -11.10
CA GLN C 125 -14.83 -11.89 -10.60
C GLN C 125 -14.52 -12.59 -9.30
N VAL C 126 -13.47 -13.39 -9.28
CA VAL C 126 -13.09 -14.10 -8.06
C VAL C 126 -12.70 -13.13 -6.93
N ASN C 127 -12.02 -12.04 -7.29
CA ASN C 127 -11.64 -10.99 -6.34
C ASN C 127 -12.87 -10.45 -5.60
N GLU C 128 -13.94 -10.19 -6.34
CA GLU C 128 -15.18 -9.60 -5.81
C GLU C 128 -16.28 -10.59 -5.39
N SER C 129 -16.01 -11.89 -5.47
CA SER C 129 -16.91 -12.90 -4.95
C SER C 129 -17.31 -12.67 -3.49
N SER C 130 -18.56 -12.99 -3.17
CA SER C 130 -19.15 -12.83 -1.84
C SER C 130 -18.66 -13.85 -0.88
N LYS C 131 -17.94 -14.83 -1.37
CA LYS C 131 -17.46 -15.88 -0.54
C LYS C 131 -16.07 -15.49 -0.08
N VAL C 132 -15.69 -16.01 1.07
CA VAL C 132 -14.33 -15.96 1.52
C VAL C 132 -13.49 -16.93 0.67
N VAL C 133 -12.52 -16.39 -0.07
CA VAL C 133 -11.69 -17.19 -0.98
C VAL C 133 -10.29 -17.42 -0.41
N ILE C 134 -9.96 -18.69 -0.26
CA ILE C 134 -8.71 -19.12 0.33
C ILE C 134 -7.92 -19.83 -0.76
N ALA C 135 -6.68 -19.42 -0.97
CA ALA C 135 -5.83 -20.04 -1.98
C ALA C 135 -4.74 -20.81 -1.30
N ILE C 136 -4.58 -22.07 -1.69
CA ILE C 136 -3.52 -22.89 -1.15
C ILE C 136 -2.55 -23.17 -2.28
N THR C 137 -1.38 -22.54 -2.24
CA THR C 137 -0.50 -22.46 -3.39
C THR C 137 0.74 -23.29 -3.15
N GLU C 138 0.96 -24.30 -3.99
CA GLU C 138 2.17 -25.12 -3.87
C GLU C 138 2.84 -25.18 -5.21
N GLY C 139 4.11 -25.55 -5.18
CA GLY C 139 4.90 -25.65 -6.40
C GLY C 139 4.82 -24.40 -7.26
N ALA C 140 4.55 -24.58 -8.55
CA ALA C 140 4.56 -23.49 -9.48
C ALA C 140 3.29 -22.66 -9.32
N VAL C 141 3.47 -21.34 -9.26
CA VAL C 141 2.39 -20.36 -9.26
C VAL C 141 2.73 -19.27 -10.25
N MSE C 142 2.12 -19.34 -11.41
CA MSE C 142 2.42 -18.44 -12.52
C MSE C 142 1.14 -18.16 -13.20
O MSE C 142 0.15 -18.83 -12.91
CB MSE C 142 3.17 -19.13 -13.65
CG MSE C 142 4.15 -20.19 -13.18
SE MSE C 142 5.80 -19.22 -12.72
CE MSE C 142 6.72 -19.66 -14.42
N GLY C 143 1.16 -17.22 -14.12
CA GLY C 143 0.01 -16.89 -14.93
C GLY C 143 -1.27 -16.73 -14.11
N GLY C 144 -2.37 -17.27 -14.65
CA GLY C 144 -3.67 -17.20 -14.02
C GLY C 144 -3.63 -17.59 -12.56
N GLY C 145 -2.78 -18.56 -12.21
CA GLY C 145 -2.65 -19.01 -10.84
C GLY C 145 -2.10 -17.97 -9.89
N PHE C 146 -1.13 -17.20 -10.38
CA PHE C 146 -0.56 -16.12 -9.62
C PHE C 146 -1.66 -15.08 -9.42
N GLY C 147 -2.40 -14.83 -10.49
CA GLY C 147 -3.51 -13.88 -10.47
C GLY C 147 -4.52 -14.23 -9.39
N LEU C 148 -4.93 -15.51 -9.37
CA LEU C 148 -5.88 -15.98 -8.36
C LEU C 148 -5.34 -15.79 -6.97
N ALA C 149 -4.08 -16.19 -6.76
CA ALA C 149 -3.50 -16.01 -5.46
C ALA C 149 -3.59 -14.53 -5.04
N CYS C 150 -3.44 -13.64 -6.02
CA CYS C 150 -3.43 -12.22 -5.73
C CYS C 150 -4.80 -11.65 -5.46
N VAL C 151 -5.85 -12.44 -5.56
CA VAL C 151 -7.19 -11.93 -5.25
C VAL C 151 -7.87 -12.78 -4.18
N SER C 152 -7.13 -13.62 -3.46
CA SER C 152 -7.69 -14.36 -2.38
C SER C 152 -7.80 -13.53 -1.11
N ASP C 153 -8.83 -13.81 -0.30
CA ASP C 153 -8.95 -13.21 1.04
C ASP C 153 -7.91 -13.78 1.98
N LEU C 154 -7.50 -15.02 1.78
CA LEU C 154 -6.42 -15.60 2.53
C LEU C 154 -5.68 -16.53 1.59
N ALA C 155 -4.37 -16.37 1.48
CA ALA C 155 -3.51 -17.28 0.74
C ALA C 155 -2.47 -17.89 1.68
N ILE C 156 -2.34 -19.20 1.63
CA ILE C 156 -1.36 -19.95 2.39
C ILE C 156 -0.44 -20.68 1.43
N ALA C 157 0.85 -20.47 1.56
CA ALA C 157 1.82 -21.11 0.69
C ALA C 157 2.44 -22.32 1.38
N GLY C 158 2.62 -23.38 0.61
CA GLY C 158 3.40 -24.50 1.05
C GLY C 158 4.85 -24.17 0.74
N PRO C 159 5.76 -25.00 1.24
CA PRO C 159 7.17 -24.60 1.21
C PRO C 159 7.80 -24.62 -0.16
N THR C 160 7.23 -25.38 -1.09
CA THR C 160 7.77 -25.47 -2.44
C THR C 160 7.29 -24.34 -3.36
N ALA C 161 6.34 -23.55 -2.89
CA ALA C 161 5.75 -22.46 -3.71
C ALA C 161 6.76 -21.55 -4.39
N LYS C 162 6.58 -21.34 -5.69
CA LYS C 162 7.45 -20.46 -6.49
C LYS C 162 6.56 -19.55 -7.31
N PHE C 163 6.82 -18.26 -7.24
CA PHE C 163 6.00 -17.23 -7.90
C PHE C 163 6.85 -16.49 -8.89
N GLY C 164 6.45 -16.47 -10.15
CA GLY C 164 7.26 -15.81 -11.16
C GLY C 164 6.44 -15.08 -12.19
N MSE C 165 7.09 -14.10 -12.79
CA MSE C 165 6.53 -13.31 -13.88
C MSE C 165 7.52 -13.32 -15.03
O MSE C 165 8.12 -12.30 -15.36
CB MSE C 165 6.45 -11.87 -13.34
CG MSE C 165 5.50 -11.66 -12.17
SE MSE C 165 3.81 -10.85 -12.82
CE MSE C 165 3.24 -12.48 -13.78
N PRO C 166 7.67 -14.48 -15.70
CA PRO C 166 8.65 -14.59 -16.81
C PRO C 166 8.15 -14.01 -18.14
N GLU C 167 6.98 -13.39 -18.17
CA GLU C 167 6.39 -13.00 -19.43
C GLU C 167 7.28 -12.10 -20.32
N THR C 168 7.83 -11.01 -19.77
CA THR C 168 8.62 -10.10 -20.61
C THR C 168 9.89 -10.79 -21.16
N THR C 169 10.36 -11.78 -20.43
CA THR C 169 11.42 -12.70 -20.88
C THR C 169 11.11 -13.44 -22.21
N LEU C 170 9.83 -13.55 -22.54
CA LEU C 170 9.37 -14.23 -23.74
C LEU C 170 8.82 -13.21 -24.74
N GLY C 171 9.03 -11.94 -24.50
CA GLY C 171 8.46 -10.90 -25.37
C GLY C 171 6.97 -10.68 -25.21
N VAL C 172 6.43 -11.14 -24.08
CA VAL C 172 4.99 -11.11 -23.80
C VAL C 172 4.73 -10.13 -22.65
N ILE C 173 3.62 -9.41 -22.72
CA ILE C 173 3.17 -8.54 -21.65
C ILE C 173 2.32 -9.38 -20.72
N PRO C 174 2.62 -9.40 -19.39
CA PRO C 174 1.73 -10.06 -18.42
C PRO C 174 0.44 -9.20 -18.16
N ALA C 175 -0.37 -9.02 -19.19
CA ALA C 175 -1.35 -7.93 -19.19
C ALA C 175 -2.44 -8.08 -18.13
N GLN C 176 -2.90 -9.29 -17.93
CA GLN C 176 -3.98 -9.54 -17.00
C GLN C 176 -3.49 -9.80 -15.60
N ILE C 177 -2.25 -10.22 -15.42
CA ILE C 177 -1.77 -10.64 -14.10
C ILE C 177 -1.16 -9.47 -13.31
N ALA C 178 -0.35 -8.66 -13.99
CA ALA C 178 0.41 -7.62 -13.31
C ALA C 178 -0.46 -6.59 -12.61
N PRO C 179 -1.59 -6.22 -13.20
CA PRO C 179 -2.42 -5.27 -12.49
C PRO C 179 -2.87 -5.80 -11.14
N PHE C 180 -3.11 -7.10 -11.02
CA PHE C 180 -3.49 -7.65 -9.72
C PHE C 180 -2.31 -7.80 -8.77
N VAL C 181 -1.13 -7.96 -9.31
CA VAL C 181 0.08 -7.96 -8.50
C VAL C 181 0.26 -6.58 -7.88
N VAL C 182 0.03 -5.53 -8.65
CA VAL C 182 0.09 -4.19 -8.09
C VAL C 182 -0.95 -4.00 -6.96
N GLU C 183 -2.15 -4.53 -7.10
CA GLU C 183 -3.17 -4.35 -6.02
C GLU C 183 -2.80 -5.16 -4.83
N ARG C 184 -2.13 -6.28 -5.05
CA ARG C 184 -1.84 -7.20 -4.01
C ARG C 184 -0.70 -6.70 -3.12
N ILE C 185 0.38 -6.23 -3.74
CA ILE C 185 1.59 -5.92 -2.99
C ILE C 185 2.06 -4.50 -3.09
N GLY C 186 1.38 -3.67 -3.88
CA GLY C 186 1.86 -2.31 -4.13
C GLY C 186 2.79 -2.17 -5.36
N LEU C 187 2.74 -0.99 -5.96
CA LEU C 187 3.57 -0.66 -7.09
C LEU C 187 5.06 -0.83 -6.83
N THR C 188 5.52 -0.43 -5.67
CA THR C 188 6.94 -0.47 -5.37
C THR C 188 7.48 -1.90 -5.46
N GLN C 189 6.86 -2.83 -4.78
CA GLN C 189 7.32 -4.22 -4.87
C GLN C 189 6.94 -4.91 -6.19
N ALA C 190 5.84 -4.48 -6.81
CA ALA C 190 5.42 -5.07 -8.07
C ALA C 190 6.28 -4.68 -9.24
N ARG C 191 6.79 -3.42 -9.27
CA ARG C 191 7.65 -3.03 -10.40
C ARG C 191 8.90 -3.91 -10.44
N ARG C 192 9.46 -4.24 -9.29
CA ARG C 192 10.64 -5.09 -9.29
C ARG C 192 10.35 -6.51 -9.78
N LEU C 193 9.30 -7.16 -9.27
CA LEU C 193 9.01 -8.54 -9.63
C LEU C 193 8.74 -8.68 -11.08
N ALA C 194 7.96 -7.74 -11.62
CA ALA C 194 7.43 -7.81 -12.96
C ALA C 194 8.49 -7.41 -13.97
N LEU C 195 9.14 -6.29 -13.75
CA LEU C 195 10.03 -5.74 -14.77
C LEU C 195 11.42 -6.43 -14.84
N LEU C 196 11.88 -7.05 -13.76
CA LEU C 196 13.06 -7.94 -13.83
C LEU C 196 12.70 -9.42 -14.05
N GLY C 197 11.42 -9.72 -14.25
CA GLY C 197 10.96 -11.06 -14.56
C GLY C 197 11.34 -12.06 -13.51
N LEU C 198 11.19 -11.69 -12.26
CA LEU C 198 11.77 -12.45 -11.17
C LEU C 198 10.88 -13.63 -10.84
N ARG C 199 11.49 -14.62 -10.20
CA ARG C 199 10.79 -15.74 -9.61
C ARG C 199 11.18 -15.83 -8.14
N ILE C 200 10.22 -15.82 -7.23
CA ILE C 200 10.56 -15.81 -5.82
C ILE C 200 9.97 -16.98 -5.09
N ASP C 201 10.54 -17.27 -3.91
CA ASP C 201 10.11 -18.40 -3.08
C ASP C 201 9.10 -17.96 -2.04
N ALA C 202 8.62 -18.92 -1.27
CA ALA C 202 7.45 -18.73 -0.47
C ALA C 202 7.66 -17.68 0.61
N THR C 203 8.82 -17.70 1.25
CA THR C 203 9.04 -16.82 2.36
C THR C 203 9.16 -15.35 1.86
N GLU C 204 9.77 -15.13 0.71
CA GLU C 204 9.75 -13.80 0.11
C GLU C 204 8.33 -13.39 -0.31
N ALA C 205 7.58 -14.36 -0.80
CA ALA C 205 6.20 -14.11 -1.17
C ALA C 205 5.37 -13.66 0.03
N CYS C 206 5.64 -14.23 1.18
CA CYS C 206 4.92 -13.87 2.40
C CYS C 206 5.35 -12.47 2.84
N LYS C 207 6.65 -12.23 2.85
CA LYS C 207 7.18 -10.93 3.24
C LYS C 207 6.60 -9.83 2.33
N LEU C 208 6.43 -10.08 1.03
CA LEU C 208 5.87 -9.05 0.18
C LEU C 208 4.36 -8.92 0.24
N GLY C 209 3.66 -9.91 0.81
CA GLY C 209 2.20 -9.91 0.85
C GLY C 209 1.48 -10.56 -0.33
N ILE C 210 2.18 -11.38 -1.14
CA ILE C 210 1.47 -12.20 -2.16
C ILE C 210 0.59 -13.22 -1.44
N VAL C 211 1.21 -13.95 -0.50
CA VAL C 211 0.48 -14.82 0.44
C VAL C 211 0.61 -14.30 1.87
N HIS C 212 -0.30 -14.73 2.75
CA HIS C 212 -0.38 -14.22 4.11
C HIS C 212 0.35 -15.08 5.11
N GLN C 213 0.52 -16.36 4.80
CA GLN C 213 1.25 -17.29 5.66
C GLN C 213 1.95 -18.33 4.81
N VAL C 214 2.94 -18.98 5.40
CA VAL C 214 3.72 -20.06 4.76
C VAL C 214 3.77 -21.24 5.70
N ALA C 215 3.52 -22.44 5.17
CA ALA C 215 3.65 -23.66 5.94
C ALA C 215 5.03 -24.29 5.78
N GLU C 216 5.48 -25.00 6.81
CA GLU C 216 6.77 -25.68 6.81
C GLU C 216 6.62 -27.06 6.22
N SER C 217 5.44 -27.66 6.43
CA SER C 217 5.18 -29.01 5.98
C SER C 217 3.73 -29.15 5.49
N GLU C 218 3.38 -30.35 5.05
CA GLU C 218 2.01 -30.71 4.65
C GLU C 218 1.00 -30.56 5.77
N GLU C 219 1.33 -31.07 6.95
CA GLU C 219 0.35 -31.14 8.01
C GLU C 219 0.15 -29.80 8.67
N GLN C 220 1.17 -28.92 8.61
CA GLN C 220 0.96 -27.54 9.06
C GLN C 220 0.03 -26.83 8.06
N LEU C 221 0.19 -27.16 6.77
CA LEU C 221 -0.70 -26.60 5.75
C LEU C 221 -2.17 -26.93 6.07
N SER C 222 -2.43 -28.17 6.44
CA SER C 222 -3.76 -28.58 6.87
C SER C 222 -4.30 -27.88 8.12
N ASP C 223 -3.48 -27.71 9.16
CA ASP C 223 -3.92 -26.97 10.36
C ASP C 223 -4.32 -25.54 10.01
N MSE C 224 -3.47 -24.88 9.23
CA MSE C 224 -3.71 -23.50 8.85
C MSE C 224 -4.98 -23.38 8.07
O MSE C 224 -5.75 -22.44 8.26
CB MSE C 224 -2.54 -22.98 8.04
CG MSE C 224 -1.35 -22.78 8.96
SE MSE C 224 0.22 -22.22 7.88
CE MSE C 224 1.19 -21.16 9.26
N LEU C 225 -5.24 -24.35 7.21
CA LEU C 225 -6.48 -24.36 6.44
C LEU C 225 -7.67 -24.55 7.37
N ASN C 226 -7.56 -25.52 8.27
CA ASN C 226 -8.66 -25.85 9.18
C ASN C 226 -8.95 -24.68 10.11
N GLN C 227 -7.90 -24.02 10.58
CA GLN C 227 -8.07 -22.85 11.43
C GLN C 227 -8.78 -21.75 10.67
N ALA C 228 -8.42 -21.55 9.41
CA ALA C 228 -9.11 -20.56 8.60
C ALA C 228 -10.57 -20.95 8.43
N LEU C 229 -10.82 -22.23 8.14
CA LEU C 229 -12.19 -22.68 7.92
C LEU C 229 -13.03 -22.58 9.19
N GLU C 230 -12.41 -22.82 10.33
CA GLU C 230 -13.06 -22.54 11.61
C GLU C 230 -13.49 -21.09 11.75
N ARG C 231 -12.63 -20.15 11.35
CA ARG C 231 -12.98 -18.72 11.42
C ARG C 231 -14.15 -18.45 10.50
N VAL C 232 -14.13 -19.07 9.34
CA VAL C 232 -15.23 -18.89 8.41
C VAL C 232 -16.56 -19.37 9.03
N ARG C 233 -16.53 -20.54 9.68
CA ARG C 233 -17.71 -21.08 10.37
C ARG C 233 -18.30 -20.06 11.35
N LEU C 234 -17.43 -19.38 12.10
CA LEU C 234 -17.90 -18.43 13.08
C LEU C 234 -18.40 -17.12 12.51
N CYS C 235 -18.03 -16.77 11.28
CA CYS C 235 -18.44 -15.46 10.77
C CYS C 235 -19.75 -15.58 10.04
N ALA C 236 -20.62 -14.61 10.23
CA ALA C 236 -21.93 -14.65 9.65
C ALA C 236 -21.89 -14.33 8.17
N PRO C 237 -22.54 -15.15 7.32
CA PRO C 237 -22.39 -15.07 5.86
C PRO C 237 -22.74 -13.74 5.26
N ASP C 238 -23.90 -13.20 5.58
CA ASP C 238 -24.32 -11.99 4.95
C ASP C 238 -23.46 -10.79 5.40
N ALA C 239 -23.06 -10.77 6.67
CA ALA C 239 -22.26 -9.66 7.15
C ALA C 239 -20.84 -9.68 6.53
N THR C 240 -20.31 -10.89 6.37
CA THR C 240 -19.04 -11.14 5.74
C THR C 240 -19.08 -10.62 4.29
N ALA C 241 -20.15 -10.92 3.57
CA ALA C 241 -20.37 -10.42 2.20
C ALA C 241 -20.52 -8.93 2.09
N GLU C 242 -21.30 -8.31 2.96
CA GLU C 242 -21.45 -6.86 2.90
C GLU C 242 -20.13 -6.18 3.27
N THR C 243 -19.42 -6.71 4.24
CA THR C 243 -18.14 -6.13 4.63
C THR C 243 -17.15 -6.24 3.48
N LYS C 244 -17.03 -7.42 2.92
CA LYS C 244 -16.13 -7.63 1.80
C LYS C 244 -16.35 -6.61 0.70
N ALA C 245 -17.60 -6.30 0.37
CA ALA C 245 -17.86 -5.33 -0.69
C ALA C 245 -17.51 -3.91 -0.25
N LEU C 246 -17.65 -3.59 1.03
CA LEU C 246 -17.21 -2.26 1.45
C LEU C 246 -15.68 -2.14 1.30
N LEU C 247 -14.95 -3.20 1.60
CA LEU C 247 -13.50 -3.19 1.55
C LEU C 247 -13.00 -2.86 0.14
N HIS C 248 -13.59 -3.47 -0.89
CA HIS C 248 -13.17 -3.25 -2.27
C HIS C 248 -13.45 -1.83 -2.71
N ARG C 249 -14.31 -1.11 -2.00
CA ARG C 249 -14.62 0.27 -2.41
C ARG C 249 -13.65 1.31 -1.86
N VAL C 250 -12.81 0.90 -0.90
CA VAL C 250 -11.98 1.85 -0.21
C VAL C 250 -10.93 2.26 -1.20
N GLY C 251 -10.64 3.55 -1.21
CA GLY C 251 -9.70 4.12 -2.16
C GLY C 251 -10.23 4.43 -3.56
N HIS C 252 -11.50 4.17 -3.84
CA HIS C 252 -12.06 4.36 -5.17
C HIS C 252 -13.28 5.25 -5.16
N GLU C 253 -13.55 5.92 -4.04
CA GLU C 253 -14.59 6.92 -3.95
C GLU C 253 -14.26 7.76 -2.71
N ALA C 254 -14.90 8.89 -2.54
CA ALA C 254 -14.55 9.70 -1.36
C ALA C 254 -14.90 8.94 -0.05
N MSE C 255 -14.03 9.03 0.94
CA MSE C 255 -14.21 8.31 2.22
C MSE C 255 -15.56 8.62 2.85
O MSE C 255 -16.32 7.71 3.17
CB MSE C 255 -13.08 8.70 3.17
CG MSE C 255 -13.07 7.89 4.49
SE MSE C 255 -13.09 5.92 4.21
CE MSE C 255 -11.21 5.52 4.65
N ALA C 256 -15.92 9.90 2.95
CA ALA C 256 -17.15 10.32 3.64
C ALA C 256 -18.41 9.66 3.08
N GLY C 257 -18.53 9.61 1.77
CA GLY C 257 -19.72 9.03 1.14
C GLY C 257 -19.75 7.53 1.35
N LEU C 258 -18.55 6.96 1.46
CA LEU C 258 -18.43 5.54 1.65
C LEU C 258 -18.84 5.17 3.09
N LEU C 259 -18.49 6.01 4.05
CA LEU C 259 -18.88 5.76 5.42
C LEU C 259 -20.40 5.95 5.59
N ASP C 260 -20.97 6.88 4.85
CA ASP C 260 -22.43 7.00 4.70
C ASP C 260 -23.07 5.69 4.29
N ASP C 261 -22.66 5.14 3.16
CA ASP C 261 -23.19 3.87 2.74
C ASP C 261 -22.89 2.76 3.77
N ALA C 262 -21.71 2.79 4.39
CA ALA C 262 -21.35 1.76 5.35
C ALA C 262 -22.36 1.77 6.53
N ALA C 263 -22.59 2.94 7.10
CA ALA C 263 -23.58 3.09 8.17
C ALA C 263 -24.98 2.59 7.78
N GLU C 264 -25.37 2.76 6.52
CA GLU C 264 -26.65 2.24 6.04
C GLU C 264 -26.62 0.73 6.08
N LYS C 265 -25.51 0.14 5.68
CA LYS C 265 -25.41 -1.30 5.68
C LYS C 265 -25.44 -1.84 7.12
N PHE C 266 -24.84 -1.08 8.05
CA PHE C 266 -24.80 -1.40 9.46
C PHE C 266 -26.21 -1.40 10.06
N ALA C 267 -26.99 -0.38 9.75
CA ALA C 267 -28.35 -0.31 10.25
C ALA C 267 -29.21 -1.49 9.76
N ALA C 268 -29.12 -1.77 8.46
CA ALA C 268 -29.89 -2.85 7.85
C ALA C 268 -29.51 -4.21 8.36
N ALA C 269 -28.24 -4.39 8.67
CA ALA C 269 -27.77 -5.65 9.25
C ALA C 269 -28.32 -5.83 10.69
N ILE C 270 -28.27 -4.77 11.47
CA ILE C 270 -28.82 -4.77 12.79
C ILE C 270 -30.28 -5.21 12.78
N ARG C 271 -31.07 -4.72 11.84
CA ARG C 271 -32.51 -5.00 11.74
C ARG C 271 -32.84 -6.19 10.87
N GLY C 272 -31.85 -7.02 10.56
CA GLY C 272 -32.07 -8.16 9.71
C GLY C 272 -31.95 -9.42 10.55
N PRO C 273 -32.39 -10.55 10.00
CA PRO C 273 -32.42 -11.84 10.68
C PRO C 273 -31.09 -12.19 11.32
N GLU C 274 -30.02 -11.92 10.58
CA GLU C 274 -28.68 -12.29 11.00
C GLU C 274 -28.25 -11.48 12.22
N GLY C 275 -28.60 -10.21 12.24
CA GLY C 275 -28.22 -9.34 13.36
C GLY C 275 -29.01 -9.71 14.61
N ALA C 276 -30.31 -9.85 14.48
CA ALA C 276 -31.14 -10.28 15.62
C ALA C 276 -30.63 -11.62 16.20
N GLU C 277 -30.41 -12.59 15.33
CA GLU C 277 -29.87 -13.87 15.74
C GLU C 277 -28.55 -13.74 16.47
N GLY C 278 -27.71 -12.82 16.03
CA GLY C 278 -26.36 -12.72 16.59
C GLY C 278 -26.33 -12.12 17.99
N THR C 279 -27.22 -11.17 18.24
CA THR C 279 -27.27 -10.56 19.54
C THR C 279 -27.69 -11.66 20.53
N MSE C 280 -28.80 -12.35 20.22
CA MSE C 280 -29.18 -13.58 20.92
C MSE C 280 -28.03 -14.50 21.28
O MSE C 280 -27.73 -14.73 22.44
CB MSE C 280 -30.15 -14.33 20.04
CG MSE C 280 -31.54 -13.79 20.28
SE MSE C 280 -31.98 -14.17 22.17
CE MSE C 280 -33.92 -14.31 21.82
N ALA C 281 -27.37 -15.02 20.27
CA ALA C 281 -26.22 -15.85 20.51
C ALA C 281 -25.31 -15.30 21.63
N PHE C 282 -25.05 -14.01 21.61
CA PHE C 282 -24.16 -13.38 22.61
C PHE C 282 -24.87 -13.17 23.96
N MSE C 283 -26.19 -13.07 23.95
CA MSE C 283 -26.97 -12.98 25.20
C MSE C 283 -26.89 -14.26 26.00
O MSE C 283 -26.73 -14.21 27.22
CB MSE C 283 -28.46 -12.65 25.00
CG MSE C 283 -28.65 -11.49 24.03
SE MSE C 283 -30.25 -10.39 24.40
CE MSE C 283 -31.72 -10.84 23.16
N GLN C 284 -26.95 -15.42 25.32
CA GLN C 284 -27.05 -16.74 25.99
C GLN C 284 -25.75 -17.54 25.87
N LYS C 285 -24.64 -16.82 25.81
CA LYS C 285 -23.31 -17.41 25.63
C LYS C 285 -23.34 -18.69 24.79
N ARG C 286 -24.10 -18.64 23.68
CA ARG C 286 -24.27 -19.76 22.76
C ARG C 286 -23.89 -19.36 21.34
N GLU C 287 -23.35 -20.31 20.58
CA GLU C 287 -23.10 -20.14 19.17
C GLU C 287 -24.38 -19.65 18.42
N PRO C 288 -24.22 -18.71 17.46
CA PRO C 288 -25.32 -18.30 16.58
C PRO C 288 -25.58 -19.38 15.55
N LYS C 289 -26.76 -19.35 14.93
CA LYS C 289 -27.17 -20.46 14.09
C LYS C 289 -26.21 -20.70 12.91
N TRP C 290 -25.64 -19.64 12.31
CA TRP C 290 -24.70 -19.84 11.20
C TRP C 290 -23.44 -20.60 11.61
N ALA C 291 -23.13 -20.65 12.90
CA ALA C 291 -21.99 -21.44 13.34
C ALA C 291 -22.34 -22.94 13.46
N GLU C 292 -23.63 -23.23 13.55
CA GLU C 292 -24.20 -24.59 13.80
C GLU C 292 -23.51 -25.80 13.13
N LEU C 293 -22.91 -26.65 13.97
CA LEU C 293 -22.29 -27.91 13.54
C LEU C 293 -23.34 -28.91 13.03
#